data_2VUR
#
_entry.id   2VUR
#
_cell.length_a   130.470
_cell.length_b   149.731
_cell.length_c   152.121
_cell.angle_alpha   90.00
_cell.angle_beta   90.00
_cell.angle_gamma   90.00
#
_symmetry.space_group_name_H-M   'I 21 21 21'
#
loop_
_entity.id
_entity.type
_entity.pdbx_description
1 polymer 'O-GLCNACASE NAGJ'
2 non-polymer 2-deoxy-2-{[(2-hydroxy-1-methylhydrazino)carbonyl]amino}-beta-D-glucopyranose
3 non-polymer 'SULFATE ION'
4 water water
#
_entity_poly.entity_id   1
_entity_poly.type   'polypeptide(L)'
_entity_poly.pdbx_seq_one_letter_code
;VGPKTGEENQVLVPNLNPTPENLEVVGDGFKITSSINLVGEEEADENAVNALREFLTANNIEINSENDPNSTTLIIGEVD
DDIPELDEALNGTTAENLKEEGYALVSNDGKIAIEGKDGDGTFYGVQTFKQLVKESNIPEVNITDYPTVSARGIVEGFYG
TPWTHQDRLDQIKFYGENKLNTYIYAPKDDPYHREKWREPYPESEMQRMQELINASAENKVDFVFGISPGIDIRFDGDAG
EEDFNHLITKAESLYDMGVRSFAIYWDDIQDKSAAKHAQVLNRFNEEFVKAKGDVKPLITVPTEYDTGAMVSNGQPRAYT
RIFAETVDPSIEVMWTGPGVVTNEIPLSDAQLISGIYNRNMAVWWNYPVTDYFKGKLALGPMHGLDKGLNQYVDFFTVNP
MEHAELSKISIHTAADYSWNMDNYDYDKAWNRAIDMLYGDLAEDMKVFANHSTRMDNKTWAKSGREDAPELRAKMDELWN
KLSSKEDASALIEELYGEFARMEEACNNLKANLPEVALEECSRQLDELITLAQGDKASLDMIVAQLNEDTEAYESAKEIA
QNKLNTALSSFAVISEKVAQSFIQEALSFDLTLI
;
_entity_poly.pdbx_strand_id   A,B
#
# COMPACT_ATOMS: atom_id res chain seq x y z
N VAL A 11 -49.05 0.99 2.85
CA VAL A 11 -48.59 -0.17 2.01
C VAL A 11 -47.17 -0.65 2.37
N LEU A 12 -46.16 -0.04 1.76
CA LEU A 12 -44.78 -0.55 1.85
C LEU A 12 -44.11 -0.24 3.19
N VAL A 13 -43.14 -1.08 3.57
CA VAL A 13 -42.44 -0.91 4.84
C VAL A 13 -41.31 0.11 4.71
N PRO A 14 -41.31 1.12 5.59
CA PRO A 14 -40.26 2.13 5.60
C PRO A 14 -38.90 1.57 6.02
N ASN A 15 -37.85 2.36 5.84
CA ASN A 15 -36.55 2.03 6.41
C ASN A 15 -36.68 1.81 7.90
N LEU A 16 -36.11 0.73 8.40
CA LEU A 16 -36.17 0.41 9.82
C LEU A 16 -34.78 0.29 10.37
N ASN A 17 -34.59 0.81 11.58
CA ASN A 17 -33.31 0.61 12.29
C ASN A 17 -33.49 0.53 13.79
N PRO A 18 -32.97 -0.56 14.39
CA PRO A 18 -32.32 -1.71 13.76
C PRO A 18 -33.28 -2.57 12.93
N THR A 19 -32.73 -3.30 11.96
CA THR A 19 -33.47 -4.34 11.23
C THR A 19 -34.09 -5.31 12.23
N PRO A 20 -35.44 -5.39 12.28
CA PRO A 20 -36.09 -6.31 13.22
C PRO A 20 -35.78 -7.77 12.90
N GLU A 21 -35.77 -8.62 13.92
CA GLU A 21 -35.38 -10.02 13.76
C GLU A 21 -36.33 -10.78 12.84
N ASN A 22 -37.63 -10.69 13.12
CA ASN A 22 -38.65 -11.30 12.28
C ASN A 22 -39.69 -10.29 11.82
N LEU A 23 -39.91 -10.20 10.53
CA LEU A 23 -40.94 -9.31 9.98
C LEU A 23 -41.64 -9.94 8.79
N GLU A 24 -42.96 -10.02 8.88
CA GLU A 24 -43.79 -10.54 7.82
C GLU A 24 -44.84 -9.50 7.43
N VAL A 25 -44.89 -9.13 6.15
CA VAL A 25 -45.94 -8.26 5.62
C VAL A 25 -47.14 -9.13 5.31
N VAL A 26 -48.24 -8.92 6.03
CA VAL A 26 -49.41 -9.82 5.98
C VAL A 26 -50.71 -9.16 5.45
N GLY A 27 -50.58 -8.01 4.80
CA GLY A 27 -51.73 -7.28 4.28
C GLY A 27 -51.32 -6.05 3.51
N ASP A 28 -52.32 -5.25 3.09
CA ASP A 28 -52.08 -4.10 2.23
C ASP A 28 -51.85 -2.77 2.96
N GLY A 29 -52.01 -2.77 4.28
CA GLY A 29 -51.84 -1.56 5.09
C GLY A 29 -53.14 -0.77 5.27
N PHE A 30 -53.12 0.22 6.16
CA PHE A 30 -54.30 1.03 6.44
C PHE A 30 -53.93 2.40 7.01
N LYS A 31 -54.92 3.28 7.11
CA LYS A 31 -54.70 4.62 7.64
C LYS A 31 -55.02 4.66 9.13
N ILE A 32 -54.10 5.25 9.90
CA ILE A 32 -54.34 5.48 11.33
C ILE A 32 -55.23 6.71 11.48
N THR A 33 -56.30 6.56 12.24
CA THR A 33 -57.26 7.64 12.43
C THR A 33 -56.61 8.78 13.23
N SER A 34 -57.04 10.01 12.98
CA SER A 34 -56.47 11.19 13.65
C SER A 34 -56.85 11.25 15.13
N SER A 35 -57.84 10.44 15.51
CA SER A 35 -58.15 10.17 16.90
C SER A 35 -58.17 8.64 17.04
N ILE A 36 -57.44 8.10 18.02
CA ILE A 36 -57.39 6.64 18.20
C ILE A 36 -57.83 6.16 19.56
N ASN A 37 -58.07 4.85 19.66
CA ASN A 37 -58.31 4.19 20.93
C ASN A 37 -56.99 3.73 21.54
N LEU A 38 -56.68 4.22 22.74
CA LEU A 38 -55.50 3.78 23.48
C LEU A 38 -55.91 2.80 24.59
N VAL A 39 -55.39 1.58 24.51
CA VAL A 39 -55.70 0.53 25.47
C VAL A 39 -54.42 -0.10 26.02
N GLY A 40 -54.33 -0.17 27.35
CA GLY A 40 -53.19 -0.76 28.04
C GLY A 40 -52.34 0.30 28.71
N GLU A 41 -52.66 1.56 28.39
CA GLU A 41 -51.96 2.78 28.82
C GLU A 41 -51.59 2.89 30.30
N GLU A 42 -52.26 2.10 31.15
CA GLU A 42 -52.04 2.10 32.62
C GLU A 42 -51.21 0.92 33.15
N GLU A 43 -51.18 -0.19 32.42
CA GLU A 43 -50.42 -1.40 32.81
C GLU A 43 -49.04 -1.44 32.17
N ALA A 44 -48.93 -0.83 30.99
CA ALA A 44 -47.73 -0.87 30.16
C ALA A 44 -46.65 0.06 30.70
N ASP A 45 -45.40 -0.27 30.36
CA ASP A 45 -44.23 0.51 30.73
C ASP A 45 -44.43 2.00 30.51
N GLU A 46 -44.21 2.78 31.57
CA GLU A 46 -44.41 4.24 31.52
C GLU A 46 -43.55 4.97 30.47
N ASN A 47 -42.27 4.57 30.36
CA ASN A 47 -41.35 5.20 29.41
C ASN A 47 -41.74 4.90 27.96
N ALA A 48 -42.28 3.71 27.73
CA ALA A 48 -42.80 3.34 26.42
C ALA A 48 -44.04 4.19 26.08
N VAL A 49 -44.94 4.30 27.06
CA VAL A 49 -46.16 5.09 26.93
C VAL A 49 -45.84 6.57 26.68
N ASN A 50 -44.87 7.11 27.42
CA ASN A 50 -44.49 8.51 27.25
C ASN A 50 -43.91 8.77 25.87
N ALA A 51 -43.12 7.83 25.38
CA ALA A 51 -42.55 7.92 24.04
C ALA A 51 -43.67 7.83 22.99
N LEU A 52 -44.68 7.01 23.29
CA LEU A 52 -45.86 6.88 22.44
C LEU A 52 -46.67 8.17 22.42
N ARG A 53 -47.05 8.67 23.60
CA ARG A 53 -47.75 9.94 23.74
C ARG A 53 -47.03 11.09 23.05
N GLU A 54 -45.70 11.01 23.02
CA GLU A 54 -44.83 12.06 22.50
C GLU A 54 -44.89 12.09 20.98
N PHE A 55 -44.92 10.90 20.37
CA PHE A 55 -45.00 10.73 18.91
C PHE A 55 -46.39 11.07 18.39
N LEU A 56 -47.40 10.61 19.12
CA LEU A 56 -48.79 10.86 18.81
C LEU A 56 -49.06 12.34 18.75
N THR A 57 -48.71 13.05 19.83
CA THR A 57 -48.76 14.51 19.88
C THR A 57 -48.08 15.14 18.64
N ALA A 58 -46.84 14.73 18.38
CA ALA A 58 -46.04 15.33 17.31
C ALA A 58 -46.62 15.08 15.91
N ASN A 59 -47.34 13.97 15.75
CA ASN A 59 -47.89 13.60 14.46
C ASN A 59 -49.39 13.89 14.32
N ASN A 60 -49.87 14.79 15.18
CA ASN A 60 -51.23 15.34 15.12
C ASN A 60 -52.31 14.29 15.34
N ILE A 61 -52.03 13.33 16.22
CA ILE A 61 -52.97 12.27 16.57
C ILE A 61 -53.46 12.39 18.04
N GLU A 62 -54.77 12.46 18.21
CA GLU A 62 -55.39 12.64 19.51
C GLU A 62 -55.82 11.28 20.10
N ILE A 63 -55.95 11.23 21.42
CA ILE A 63 -56.37 10.02 22.13
C ILE A 63 -57.85 10.10 22.54
N ASN A 64 -58.66 9.16 22.05
CA ASN A 64 -60.08 9.09 22.42
C ASN A 64 -60.24 8.95 23.93
N SER A 65 -60.98 9.87 24.53
CA SER A 65 -61.29 9.82 25.95
C SER A 65 -62.31 8.72 26.28
N GLU A 66 -63.04 8.26 25.26
CA GLU A 66 -63.89 7.06 25.33
C GLU A 66 -63.87 6.29 24.01
N ASN A 67 -63.99 4.96 24.12
CA ASN A 67 -63.77 4.02 23.01
C ASN A 67 -64.58 4.15 21.71
N ASP A 68 -63.84 4.24 20.61
CA ASP A 68 -64.27 3.80 19.27
C ASP A 68 -65.52 4.39 18.63
N PRO A 69 -65.36 5.54 17.96
CA PRO A 69 -66.21 5.83 16.80
C PRO A 69 -65.60 5.13 15.56
N ASN A 70 -65.34 3.83 15.72
CA ASN A 70 -64.38 3.06 14.90
C ASN A 70 -63.10 3.80 14.48
N SER A 71 -62.45 4.32 15.50
CA SER A 71 -61.09 4.80 15.40
C SER A 71 -60.17 3.58 15.30
N THR A 72 -58.92 3.83 14.93
CA THR A 72 -57.87 2.84 15.03
C THR A 72 -57.70 2.52 16.51
N THR A 73 -57.38 1.26 16.82
CA THR A 73 -57.09 0.89 18.21
C THR A 73 -55.61 0.53 18.37
N LEU A 74 -54.98 1.19 19.33
CA LEU A 74 -53.59 0.88 19.72
C LEU A 74 -53.55 0.28 21.13
N ILE A 75 -53.06 -0.95 21.19
CA ILE A 75 -52.93 -1.69 22.44
C ILE A 75 -51.45 -1.85 22.78
N ILE A 76 -51.11 -1.57 24.03
CA ILE A 76 -49.73 -1.60 24.52
C ILE A 76 -49.63 -2.26 25.90
N GLY A 77 -48.56 -3.01 26.11
CA GLY A 77 -48.29 -3.66 27.39
C GLY A 77 -47.20 -4.70 27.33
N GLU A 78 -47.03 -5.41 28.44
CA GLU A 78 -46.01 -6.47 28.57
C GLU A 78 -46.68 -7.84 28.70
N VAL A 79 -45.87 -8.89 28.61
CA VAL A 79 -46.36 -10.27 28.81
C VAL A 79 -46.86 -10.48 30.25
N ASP A 80 -47.85 -11.32 30.42
CA ASP A 80 -48.51 -11.54 31.72
C ASP A 80 -49.22 -10.29 32.28
N ASP A 81 -49.02 -9.13 31.63
CA ASP A 81 -49.90 -7.97 31.89
C ASP A 81 -51.34 -8.39 31.64
N ASP A 82 -52.24 -7.98 32.53
CA ASP A 82 -53.63 -8.38 32.43
C ASP A 82 -54.38 -7.53 31.40
N ILE A 83 -54.16 -7.84 30.12
CA ILE A 83 -54.80 -7.15 29.01
C ILE A 83 -55.22 -8.19 27.96
N PRO A 84 -56.53 -8.51 27.91
CA PRO A 84 -57.11 -9.42 26.92
C PRO A 84 -57.20 -8.85 25.50
N GLU A 85 -57.36 -7.52 25.39
CA GLU A 85 -57.39 -6.85 24.09
C GLU A 85 -56.10 -7.09 23.33
N LEU A 86 -54.98 -7.07 24.06
CA LEU A 86 -53.64 -7.34 23.53
C LEU A 86 -53.53 -8.77 23.02
N ASP A 87 -53.97 -9.72 23.85
CA ASP A 87 -54.00 -11.14 23.47
C ASP A 87 -54.70 -11.34 22.12
N GLU A 88 -55.87 -10.71 21.97
CA GLU A 88 -56.72 -10.84 20.78
C GLU A 88 -56.11 -10.24 19.50
N ALA A 89 -55.54 -9.05 19.61
CA ALA A 89 -54.95 -8.36 18.45
C ALA A 89 -53.69 -9.06 17.92
N LEU A 90 -52.93 -9.67 18.82
CA LEU A 90 -51.73 -10.40 18.44
C LEU A 90 -52.03 -11.71 17.71
N ASN A 91 -53.20 -12.29 18.01
CA ASN A 91 -53.60 -13.64 17.57
C ASN A 91 -52.58 -14.48 16.77
N GLY A 92 -51.88 -15.35 17.50
CA GLY A 92 -50.93 -16.29 16.90
C GLY A 92 -49.47 -15.98 17.14
N THR A 93 -49.16 -14.71 17.30
CA THR A 93 -47.78 -14.22 17.43
C THR A 93 -47.56 -13.65 18.84
N THR A 94 -46.35 -13.80 19.39
CA THR A 94 -46.15 -13.57 20.84
C THR A 94 -44.68 -13.29 21.27
N ALA A 95 -44.54 -12.57 22.39
CA ALA A 95 -43.23 -12.20 22.94
C ALA A 95 -42.84 -13.09 24.13
N GLU A 96 -43.71 -14.03 24.48
CA GLU A 96 -43.53 -14.90 25.65
C GLU A 96 -42.20 -15.70 25.64
N ASN A 97 -41.81 -16.20 24.46
CA ASN A 97 -40.56 -16.97 24.29
C ASN A 97 -39.34 -16.15 23.85
N LEU A 98 -39.39 -14.83 24.04
CA LEU A 98 -38.31 -13.97 23.57
C LEU A 98 -37.36 -13.55 24.70
N LYS A 99 -36.11 -13.24 24.34
CA LYS A 99 -35.09 -12.84 25.33
C LYS A 99 -35.39 -11.46 25.92
N GLU A 100 -34.70 -11.11 27.00
CA GLU A 100 -34.74 -9.75 27.55
C GLU A 100 -34.83 -8.74 26.40
N GLU A 101 -35.52 -7.63 26.63
CA GLU A 101 -35.61 -6.51 25.68
C GLU A 101 -36.38 -6.82 24.40
N GLY A 102 -36.90 -8.04 24.29
CA GLY A 102 -37.65 -8.48 23.12
C GLY A 102 -39.08 -8.00 23.13
N TYR A 103 -39.74 -8.04 21.98
CA TYR A 103 -41.14 -7.59 21.87
C TYR A 103 -41.80 -8.20 20.65
N ALA A 104 -43.13 -8.06 20.61
CA ALA A 104 -43.95 -8.46 19.48
C ALA A 104 -44.77 -7.26 19.00
N LEU A 105 -44.83 -7.09 17.69
CA LEU A 105 -45.66 -6.05 17.09
C LEU A 105 -46.54 -6.62 15.98
N VAL A 106 -47.85 -6.36 16.08
CA VAL A 106 -48.82 -6.73 15.05
C VAL A 106 -49.69 -5.55 14.63
N SER A 107 -49.60 -5.18 13.35
CA SER A 107 -50.54 -4.26 12.75
C SER A 107 -51.45 -5.01 11.79
N ASN A 108 -52.75 -4.86 11.97
CA ASN A 108 -53.75 -5.58 11.18
C ASN A 108 -55.16 -5.00 11.34
N ASP A 109 -55.77 -4.63 10.22
CA ASP A 109 -57.20 -4.31 10.14
C ASP A 109 -57.65 -3.36 11.24
N GLY A 110 -57.05 -2.17 11.28
CA GLY A 110 -57.46 -1.11 12.21
C GLY A 110 -56.99 -1.24 13.65
N LYS A 111 -55.98 -2.13 13.85
CA LYS A 111 -55.40 -2.35 15.18
C LYS A 111 -53.88 -2.52 15.13
N ILE A 112 -53.21 -1.95 16.13
CA ILE A 112 -51.78 -2.13 16.32
C ILE A 112 -51.57 -2.67 17.73
N ALA A 113 -50.93 -3.83 17.84
CA ALA A 113 -50.60 -4.46 19.12
C ALA A 113 -49.10 -4.40 19.40
N ILE A 114 -48.74 -3.89 20.57
CA ILE A 114 -47.34 -3.81 21.00
C ILE A 114 -47.18 -4.53 22.35
N GLU A 115 -46.53 -5.69 22.31
CA GLU A 115 -46.31 -6.49 23.52
C GLU A 115 -44.82 -6.76 23.73
N GLY A 116 -44.26 -6.25 24.82
CA GLY A 116 -42.87 -6.50 25.14
C GLY A 116 -42.71 -7.65 26.11
N LYS A 117 -41.55 -8.30 26.08
CA LYS A 117 -41.22 -9.33 27.06
C LYS A 117 -40.99 -8.66 28.43
N ASP A 118 -40.51 -7.41 28.39
CA ASP A 118 -40.35 -6.56 29.56
C ASP A 118 -40.58 -5.09 29.16
N GLY A 119 -40.57 -4.19 30.13
CA GLY A 119 -40.68 -2.75 29.87
C GLY A 119 -39.72 -2.19 28.82
N ASP A 120 -38.49 -2.71 28.77
CA ASP A 120 -37.54 -2.36 27.71
C ASP A 120 -38.10 -2.75 26.34
N GLY A 121 -38.62 -3.97 26.25
CA GLY A 121 -39.17 -4.51 25.00
C GLY A 121 -40.36 -3.72 24.50
N THR A 122 -41.26 -3.37 25.43
CA THR A 122 -42.39 -2.49 25.12
C THR A 122 -41.90 -1.16 24.52
N PHE A 123 -40.90 -0.55 25.14
CA PHE A 123 -40.32 0.71 24.67
C PHE A 123 -39.73 0.57 23.26
N TYR A 124 -39.10 -0.57 23.01
CA TYR A 124 -38.48 -0.79 21.71
C TYR A 124 -39.51 -1.04 20.61
N GLY A 125 -40.62 -1.69 20.98
CA GLY A 125 -41.78 -1.86 20.11
C GLY A 125 -42.37 -0.54 19.66
N VAL A 126 -42.43 0.42 20.59
CA VAL A 126 -42.86 1.79 20.29
C VAL A 126 -41.89 2.48 19.32
N GLN A 127 -40.59 2.18 19.43
CA GLN A 127 -39.62 2.72 18.47
C GLN A 127 -39.81 2.18 17.06
N THR A 128 -40.07 0.88 16.94
CA THR A 128 -40.38 0.30 15.62
C THR A 128 -41.67 0.90 15.08
N PHE A 129 -42.69 0.99 15.93
CA PHE A 129 -43.96 1.61 15.57
C PHE A 129 -43.76 3.00 14.95
N LYS A 130 -42.96 3.83 15.62
CA LYS A 130 -42.69 5.19 15.16
C LYS A 130 -41.99 5.20 13.81
N GLN A 131 -41.20 4.17 13.54
CA GLN A 131 -40.54 4.09 12.25
C GLN A 131 -41.47 3.54 11.15
N LEU A 132 -42.46 2.73 11.56
CA LEU A 132 -43.39 2.14 10.59
C LEU A 132 -44.41 3.11 9.99
N VAL A 133 -44.78 4.14 10.77
CA VAL A 133 -45.81 5.11 10.37
C VAL A 133 -45.26 6.20 9.44
N LYS A 134 -45.93 6.40 8.31
CA LYS A 134 -45.57 7.45 7.35
C LYS A 134 -46.85 8.11 6.84
N GLU A 135 -47.00 9.40 7.17
CA GLU A 135 -48.18 10.20 6.88
C GLU A 135 -49.44 9.45 7.29
N SER A 136 -49.40 8.93 8.52
CA SER A 136 -50.53 8.24 9.16
C SER A 136 -50.96 6.94 8.48
N ASN A 137 -50.07 6.37 7.66
CA ASN A 137 -50.23 5.05 7.09
C ASN A 137 -49.24 4.10 7.72
N ILE A 138 -49.66 2.86 7.97
CA ILE A 138 -48.79 1.83 8.53
C ILE A 138 -48.97 0.55 7.72
N PRO A 139 -47.88 -0.18 7.43
CA PRO A 139 -48.04 -1.50 6.81
C PRO A 139 -48.69 -2.50 7.78
N GLU A 140 -49.26 -3.57 7.22
CA GLU A 140 -49.73 -4.69 8.04
C GLU A 140 -48.60 -5.71 8.14
N VAL A 141 -48.10 -5.86 9.35
CA VAL A 141 -46.95 -6.73 9.65
C VAL A 141 -47.13 -7.54 10.93
N ASN A 142 -46.43 -8.66 11.01
CA ASN A 142 -46.23 -9.39 12.25
C ASN A 142 -44.76 -9.31 12.58
N ILE A 143 -44.44 -8.78 13.76
CA ILE A 143 -43.05 -8.67 14.19
C ILE A 143 -42.81 -9.44 15.49
N THR A 144 -41.68 -10.14 15.54
CA THR A 144 -41.06 -10.62 16.76
C THR A 144 -39.58 -10.22 16.69
N ASP A 145 -39.09 -9.55 17.72
CA ASP A 145 -37.82 -8.85 17.68
C ASP A 145 -37.13 -8.90 19.03
N TYR A 146 -35.79 -8.78 19.01
CA TYR A 146 -34.94 -8.91 20.21
C TYR A 146 -33.49 -8.72 19.77
N PRO A 147 -32.63 -8.22 20.68
CA PRO A 147 -31.25 -7.92 20.23
C PRO A 147 -30.37 -9.17 20.17
N THR A 148 -29.43 -9.20 19.23
CA THR A 148 -28.37 -10.23 19.21
C THR A 148 -27.48 -10.16 20.46
N VAL A 149 -27.07 -8.94 20.81
CA VAL A 149 -26.07 -8.66 21.84
C VAL A 149 -26.75 -7.89 22.99
N SER A 150 -26.48 -8.27 24.24
CA SER A 150 -27.21 -7.72 25.40
C SER A 150 -26.96 -6.25 25.71
N ALA A 151 -25.72 -5.81 25.67
CA ALA A 151 -25.43 -4.40 25.88
C ALA A 151 -24.88 -3.78 24.61
N ARG A 152 -25.53 -2.72 24.14
CA ARG A 152 -25.14 -2.05 22.89
C ARG A 152 -25.13 -0.56 23.10
N GLY A 153 -24.08 0.12 22.67
CA GLY A 153 -24.02 1.54 22.90
C GLY A 153 -22.69 2.23 22.68
N ILE A 154 -22.52 3.32 23.45
CA ILE A 154 -21.46 4.30 23.24
C ILE A 154 -20.61 4.39 24.48
N VAL A 155 -19.30 4.51 24.25
CA VAL A 155 -18.35 4.95 25.25
C VAL A 155 -17.89 6.38 24.90
N GLU A 156 -18.12 7.32 25.80
CA GLU A 156 -17.66 8.68 25.56
C GLU A 156 -16.14 8.81 25.85
N GLY A 157 -15.31 8.15 25.04
CA GLY A 157 -13.88 7.99 25.36
C GLY A 157 -12.87 8.82 24.59
N PHE A 158 -13.35 9.71 23.73
CA PHE A 158 -12.48 10.43 22.80
C PHE A 158 -11.84 11.63 23.48
N TYR A 159 -10.65 11.97 23.00
CA TYR A 159 -10.01 13.21 23.38
C TYR A 159 -10.50 14.32 22.45
N GLY A 160 -10.21 15.57 22.82
CA GLY A 160 -10.61 16.71 22.02
C GLY A 160 -11.76 17.45 22.66
N THR A 161 -12.26 18.49 21.98
CA THR A 161 -13.40 19.24 22.46
C THR A 161 -14.52 18.29 22.90
N PRO A 162 -14.94 18.39 24.18
CA PRO A 162 -16.02 17.56 24.71
C PRO A 162 -17.36 17.84 24.05
N TRP A 163 -18.23 16.83 24.09
CA TRP A 163 -19.64 17.06 23.82
C TRP A 163 -20.17 17.97 24.90
N THR A 164 -21.14 18.80 24.51
CA THR A 164 -21.84 19.67 25.45
C THR A 164 -22.95 18.88 26.13
N HIS A 165 -23.55 19.50 27.14
CA HIS A 165 -24.69 18.93 27.83
C HIS A 165 -25.84 18.64 26.85
N GLN A 166 -26.17 19.63 26.01
CA GLN A 166 -27.22 19.45 25.00
C GLN A 166 -26.90 18.34 23.99
N ASP A 167 -25.64 18.24 23.57
CA ASP A 167 -25.14 17.12 22.73
C ASP A 167 -25.44 15.76 23.38
N ARG A 168 -25.12 15.65 24.66
CA ARG A 168 -25.32 14.37 25.38
C ARG A 168 -26.80 14.04 25.53
N LEU A 169 -27.62 15.03 25.87
CA LEU A 169 -29.07 14.84 25.93
C LEU A 169 -29.61 14.35 24.59
N ASP A 170 -29.19 14.99 23.50
CA ASP A 170 -29.56 14.60 22.14
C ASP A 170 -29.08 13.20 21.79
N GLN A 171 -27.85 12.87 22.14
CA GLN A 171 -27.30 11.53 21.90
C GLN A 171 -28.15 10.47 22.62
N ILE A 172 -28.45 10.69 23.89
CA ILE A 172 -29.27 9.75 24.66
C ILE A 172 -30.62 9.45 23.97
N LYS A 173 -31.34 10.49 23.55
CA LYS A 173 -32.58 10.32 22.78
C LYS A 173 -32.38 9.49 21.52
N PHE A 174 -31.30 9.78 20.78
CA PHE A 174 -30.92 9.03 19.59
C PHE A 174 -30.64 7.54 19.88
N TYR A 175 -29.99 7.26 21.00
CA TYR A 175 -29.70 5.87 21.39
C TYR A 175 -31.02 5.12 21.56
N GLY A 176 -31.92 5.71 22.35
CA GLY A 176 -33.24 5.13 22.61
C GLY A 176 -34.00 4.77 21.34
N GLU A 177 -34.02 5.70 20.38
CA GLU A 177 -34.70 5.56 19.10
C GLU A 177 -34.14 4.46 18.20
N ASN A 178 -32.86 4.15 18.36
CA ASN A 178 -32.23 3.06 17.63
C ASN A 178 -31.92 1.81 18.45
N LYS A 179 -32.50 1.72 19.65
CA LYS A 179 -32.42 0.51 20.48
C LYS A 179 -31.04 0.25 21.13
N LEU A 180 -30.25 1.31 21.27
CA LEU A 180 -28.99 1.28 22.00
C LEU A 180 -29.24 1.58 23.48
N ASN A 181 -28.79 0.69 24.34
CA ASN A 181 -29.15 0.71 25.76
C ASN A 181 -27.98 0.99 26.70
N THR A 182 -26.82 1.37 26.15
CA THR A 182 -25.60 1.56 26.95
C THR A 182 -24.88 2.86 26.67
N TYR A 183 -24.68 3.65 27.71
CA TYR A 183 -23.92 4.90 27.59
C TYR A 183 -22.87 4.99 28.69
N ILE A 184 -21.61 4.87 28.32
CA ILE A 184 -20.54 4.99 29.32
C ILE A 184 -20.09 6.44 29.42
N TYR A 185 -20.63 7.11 30.42
CA TYR A 185 -20.26 8.47 30.77
C TYR A 185 -18.88 8.41 31.44
N ALA A 186 -17.86 8.85 30.72
CA ALA A 186 -16.50 8.93 31.26
C ALA A 186 -15.71 9.92 30.41
N PRO A 187 -16.19 11.17 30.35
CA PRO A 187 -15.53 12.14 29.50
C PRO A 187 -14.31 12.81 30.17
N LYS A 188 -13.34 13.19 29.34
CA LYS A 188 -12.13 13.88 29.77
C LYS A 188 -12.39 15.21 30.49
N ASP A 189 -13.54 15.82 30.28
CA ASP A 189 -13.76 17.17 30.83
C ASP A 189 -14.46 17.20 32.18
N ASP A 190 -14.84 16.03 32.70
CA ASP A 190 -15.45 15.95 34.02
C ASP A 190 -14.44 15.42 35.05
N PRO A 191 -13.89 16.34 35.88
CA PRO A 191 -12.84 15.98 36.83
C PRO A 191 -13.33 14.93 37.82
N TYR A 192 -14.61 14.95 38.14
CA TYR A 192 -15.21 14.02 39.10
C TYR A 192 -15.18 12.56 38.64
N HIS A 193 -14.76 12.32 37.41
CA HIS A 193 -14.58 10.96 36.92
C HIS A 193 -13.10 10.53 36.93
N ARG A 194 -12.18 11.48 37.14
CA ARG A 194 -10.74 11.18 37.15
C ARG A 194 -9.95 11.98 38.19
N GLU A 195 -9.51 13.19 37.85
CA GLU A 195 -8.68 14.01 38.77
C GLU A 195 -9.34 14.38 40.12
N LYS A 196 -10.66 14.27 40.20
CA LYS A 196 -11.39 14.44 41.45
C LYS A 196 -12.25 13.21 41.74
N TRP A 197 -11.77 12.04 41.32
CA TRP A 197 -12.52 10.80 41.47
C TRP A 197 -12.99 10.47 42.90
N ARG A 198 -12.22 10.86 43.92
CA ARG A 198 -12.62 10.58 45.33
C ARG A 198 -13.87 11.35 45.73
N GLU A 199 -13.98 12.57 45.19
CA GLU A 199 -14.96 13.56 45.63
C GLU A 199 -16.36 13.30 45.06
N PRO A 200 -17.37 13.18 45.93
CA PRO A 200 -18.75 13.20 45.43
C PRO A 200 -19.09 14.50 44.67
N TYR A 201 -20.03 14.41 43.74
CA TYR A 201 -20.48 15.61 43.04
C TYR A 201 -21.08 16.62 44.04
N PRO A 202 -20.66 17.90 43.93
CA PRO A 202 -21.22 18.96 44.77
C PRO A 202 -22.63 19.31 44.27
N GLU A 203 -23.44 19.97 45.09
CA GLU A 203 -24.78 20.36 44.64
C GLU A 203 -24.79 21.22 43.38
N SER A 204 -23.74 22.00 43.17
CA SER A 204 -23.62 22.84 41.99
C SER A 204 -23.53 22.04 40.68
N GLU A 205 -23.41 20.72 40.80
CA GLU A 205 -23.24 19.83 39.64
C GLU A 205 -24.31 18.76 39.55
N MET A 206 -25.13 18.65 40.60
CA MET A 206 -26.13 17.59 40.72
C MET A 206 -27.26 17.69 39.70
N GLN A 207 -27.63 18.91 39.32
CA GLN A 207 -28.69 19.10 38.33
C GLN A 207 -28.26 18.55 36.98
N ARG A 208 -27.08 18.97 36.51
CA ARG A 208 -26.55 18.53 35.22
C ARG A 208 -26.43 17.00 35.15
N MET A 209 -25.78 16.41 36.14
CA MET A 209 -25.67 14.95 36.23
C MET A 209 -27.03 14.23 36.28
N GLN A 210 -27.98 14.78 37.01
CA GLN A 210 -29.31 14.18 37.14
C GLN A 210 -30.11 14.18 35.84
N GLU A 211 -30.10 15.30 35.13
CA GLU A 211 -30.70 15.36 33.78
C GLU A 211 -30.21 14.24 32.86
N LEU A 212 -28.90 13.96 32.90
CA LEU A 212 -28.31 12.90 32.08
C LEU A 212 -28.80 11.53 32.53
N ILE A 213 -28.81 11.34 33.84
CA ILE A 213 -29.30 10.09 34.43
C ILE A 213 -30.78 9.92 34.12
N ASN A 214 -31.56 10.99 34.30
CA ASN A 214 -32.99 10.92 34.05
C ASN A 214 -33.31 10.61 32.59
N ALA A 215 -32.74 11.39 31.66
CA ALA A 215 -32.84 11.12 30.24
C ALA A 215 -32.50 9.67 29.87
N SER A 216 -31.36 9.18 30.37
CA SER A 216 -30.93 7.80 30.14
C SER A 216 -32.04 6.80 30.56
N ALA A 217 -32.39 6.80 31.83
CA ALA A 217 -33.48 5.93 32.34
C ALA A 217 -34.71 5.97 31.42
N GLU A 218 -35.14 7.19 31.08
CA GLU A 218 -36.38 7.42 30.34
C GLU A 218 -36.34 6.87 28.91
N ASN A 219 -35.12 6.68 28.41
CA ASN A 219 -34.89 6.12 27.07
C ASN A 219 -34.40 4.67 27.07
N LYS A 220 -34.50 4.01 28.23
CA LYS A 220 -34.05 2.63 28.43
C LYS A 220 -32.54 2.49 28.22
N VAL A 221 -31.82 3.60 28.36
CA VAL A 221 -30.35 3.61 28.24
C VAL A 221 -29.73 3.46 29.63
N ASP A 222 -28.89 2.45 29.79
CA ASP A 222 -28.06 2.26 30.99
C ASP A 222 -26.94 3.31 31.09
N PHE A 223 -27.04 4.19 32.07
CA PHE A 223 -26.04 5.23 32.30
C PHE A 223 -24.92 4.62 33.14
N VAL A 224 -23.77 4.34 32.50
CA VAL A 224 -22.62 3.75 33.19
C VAL A 224 -21.68 4.87 33.63
N PHE A 225 -21.45 4.97 34.94
CA PHE A 225 -20.49 5.96 35.40
C PHE A 225 -19.09 5.39 35.33
N GLY A 226 -18.28 5.99 34.46
CA GLY A 226 -16.88 5.59 34.26
C GLY A 226 -15.96 6.25 35.26
N ILE A 227 -15.24 5.45 36.02
CA ILE A 227 -14.31 5.99 37.01
C ILE A 227 -12.87 5.58 36.66
N SER A 228 -11.97 6.55 36.60
CA SER A 228 -10.55 6.36 36.35
C SER A 228 -9.69 6.79 37.55
N PRO A 229 -9.50 5.91 38.56
CA PRO A 229 -8.72 6.28 39.74
C PRO A 229 -7.19 6.17 39.55
N GLY A 230 -6.79 5.64 38.39
CA GLY A 230 -5.37 5.37 38.06
C GLY A 230 -4.42 6.53 38.32
N ILE A 231 -4.84 7.75 37.98
CA ILE A 231 -4.02 8.95 38.22
C ILE A 231 -3.26 8.96 39.56
N ASP A 232 -3.92 8.64 40.67
CA ASP A 232 -3.28 8.74 41.98
C ASP A 232 -3.69 7.72 43.05
N ILE A 233 -4.51 6.75 42.68
CA ILE A 233 -4.97 5.74 43.64
C ILE A 233 -3.78 5.04 44.35
N ARG A 234 -3.94 4.80 45.65
CA ARG A 234 -2.95 4.09 46.43
C ARG A 234 -3.53 2.73 46.79
N PHE A 235 -2.69 1.70 46.78
CA PHE A 235 -3.16 0.32 47.05
C PHE A 235 -2.78 -0.27 48.41
N ASP A 236 -1.59 0.05 48.94
CA ASP A 236 -1.12 -0.63 50.18
C ASP A 236 -1.34 0.11 51.51
N GLY A 237 -1.47 -0.66 52.59
CA GLY A 237 -1.61 -0.10 53.94
C GLY A 237 -2.81 0.80 54.18
N ASP A 238 -2.64 1.74 55.12
CA ASP A 238 -3.69 2.71 55.49
C ASP A 238 -4.11 3.62 54.31
N ALA A 239 -3.15 4.01 53.48
CA ALA A 239 -3.45 4.84 52.31
C ALA A 239 -4.36 4.10 51.32
N GLY A 240 -4.08 2.82 51.12
CA GLY A 240 -4.82 2.00 50.17
C GLY A 240 -6.22 1.70 50.69
N GLU A 241 -6.35 1.58 52.00
CA GLU A 241 -7.63 1.38 52.65
C GLU A 241 -8.50 2.63 52.54
N GLU A 242 -7.93 3.78 52.87
CA GLU A 242 -8.59 5.07 52.72
C GLU A 242 -9.08 5.27 51.28
N ASP A 243 -8.20 5.01 50.31
CA ASP A 243 -8.60 5.12 48.92
C ASP A 243 -9.68 4.11 48.53
N PHE A 244 -9.63 2.88 49.05
CA PHE A 244 -10.73 1.98 48.75
C PHE A 244 -12.05 2.46 49.36
N ASN A 245 -11.99 3.07 50.55
CA ASN A 245 -13.21 3.60 51.17
C ASN A 245 -13.81 4.78 50.40
N HIS A 246 -12.95 5.59 49.78
CA HIS A 246 -13.35 6.70 48.92
C HIS A 246 -14.06 6.23 47.67
N LEU A 247 -13.69 5.04 47.19
CA LEU A 247 -14.28 4.45 45.99
C LEU A 247 -15.73 4.10 46.32
N ILE A 248 -15.90 3.51 47.50
CA ILE A 248 -17.21 3.16 48.01
C ILE A 248 -18.08 4.41 48.15
N THR A 249 -17.65 5.37 48.97
CA THR A 249 -18.40 6.61 49.20
C THR A 249 -18.74 7.34 47.88
N LYS A 250 -17.77 7.42 46.97
CA LYS A 250 -18.08 7.95 45.64
C LYS A 250 -19.21 7.16 44.97
N ALA A 251 -19.09 5.82 44.94
CA ALA A 251 -20.07 4.98 44.25
C ALA A 251 -21.46 5.06 44.89
N GLU A 252 -21.49 5.08 46.22
CA GLU A 252 -22.73 5.28 46.95
C GLU A 252 -23.37 6.61 46.56
N SER A 253 -22.59 7.69 46.60
CA SER A 253 -23.16 9.01 46.34
C SER A 253 -23.75 9.14 44.93
N LEU A 254 -23.20 8.37 43.99
CA LEU A 254 -23.73 8.27 42.62
C LEU A 254 -24.97 7.36 42.57
N TYR A 255 -24.95 6.32 43.39
CA TYR A 255 -26.07 5.40 43.54
C TYR A 255 -27.28 6.16 44.06
N ASP A 256 -27.03 7.08 45.00
CA ASP A 256 -28.04 7.98 45.59
C ASP A 256 -28.68 8.91 44.55
N MET A 257 -27.99 9.09 43.43
CA MET A 257 -28.52 9.87 42.32
C MET A 257 -29.24 8.95 41.35
N GLY A 258 -29.16 7.64 41.57
CA GLY A 258 -29.85 6.69 40.70
C GLY A 258 -28.98 6.03 39.64
N VAL A 259 -27.66 6.12 39.81
CA VAL A 259 -26.71 5.36 38.98
C VAL A 259 -26.71 3.89 39.43
N ARG A 260 -26.90 2.99 38.46
CA ARG A 260 -26.94 1.55 38.68
C ARG A 260 -25.92 0.81 37.81
N SER A 261 -25.08 1.56 37.08
CA SER A 261 -23.96 0.97 36.34
C SER A 261 -22.66 1.74 36.53
N PHE A 262 -21.58 0.98 36.76
CA PHE A 262 -20.25 1.51 37.05
C PHE A 262 -19.19 0.78 36.21
N ALA A 263 -18.14 1.54 35.86
CA ALA A 263 -16.94 0.98 35.24
C ALA A 263 -15.74 1.58 35.94
N ILE A 264 -14.71 0.74 36.17
CA ILE A 264 -13.45 1.20 36.75
C ILE A 264 -12.33 0.95 35.71
N TYR A 265 -11.71 2.04 35.25
CA TYR A 265 -10.62 2.01 34.26
C TYR A 265 -9.25 1.88 34.89
N TRP A 266 -8.42 1.00 34.31
CA TRP A 266 -7.04 0.82 34.73
C TRP A 266 -6.08 1.17 33.60
N ASP A 267 -6.60 1.82 32.57
CA ASP A 267 -5.88 2.06 31.32
C ASP A 267 -4.72 3.04 31.45
N ASP A 268 -4.86 4.06 32.31
CA ASP A 268 -3.86 5.14 32.41
C ASP A 268 -3.03 5.10 33.72
N ILE A 269 -2.98 3.93 34.35
CA ILE A 269 -2.27 3.83 35.62
C ILE A 269 -0.78 3.54 35.38
N GLN A 270 0.08 4.15 36.19
CA GLN A 270 1.52 3.86 36.15
C GLN A 270 1.79 2.52 36.88
N ASP A 271 1.20 2.37 38.07
CA ASP A 271 1.28 1.12 38.88
C ASP A 271 0.64 -0.06 38.12
N LYS A 272 1.38 -0.65 37.17
CA LYS A 272 0.90 -1.78 36.36
C LYS A 272 0.76 -3.13 37.11
N SER A 273 0.05 -3.11 38.24
CA SER A 273 -0.04 -4.26 39.13
C SER A 273 -1.36 -4.99 39.00
N ALA A 274 -1.41 -6.01 38.13
CA ALA A 274 -2.64 -6.75 37.84
C ALA A 274 -3.41 -7.20 39.09
N ALA A 275 -2.69 -7.76 40.07
CA ALA A 275 -3.31 -8.27 41.29
C ALA A 275 -3.96 -7.16 42.10
N LYS A 276 -3.31 -5.99 42.13
CA LYS A 276 -3.84 -4.83 42.85
C LYS A 276 -5.12 -4.29 42.17
N HIS A 277 -5.08 -4.21 40.84
CA HIS A 277 -6.24 -3.81 40.06
C HIS A 277 -7.42 -4.73 40.34
N ALA A 278 -7.20 -6.04 40.20
CA ALA A 278 -8.28 -6.99 40.23
C ALA A 278 -8.82 -7.19 41.65
N GLN A 279 -7.99 -6.94 42.66
CA GLN A 279 -8.45 -7.04 44.04
C GLN A 279 -9.36 -5.88 44.36
N VAL A 280 -9.05 -4.71 43.82
CA VAL A 280 -9.90 -3.54 44.01
C VAL A 280 -11.27 -3.82 43.38
N LEU A 281 -11.27 -4.26 42.12
CA LEU A 281 -12.50 -4.74 41.45
C LEU A 281 -13.34 -5.76 42.23
N ASN A 282 -12.68 -6.82 42.73
CA ASN A 282 -13.39 -7.87 43.43
C ASN A 282 -13.96 -7.39 44.77
N ARG A 283 -13.20 -6.54 45.45
CA ARG A 283 -13.64 -6.04 46.75
C ARG A 283 -14.73 -4.96 46.57
N PHE A 284 -14.73 -4.31 45.40
CA PHE A 284 -15.81 -3.39 45.02
C PHE A 284 -17.07 -4.16 44.63
N ASN A 285 -16.92 -5.13 43.73
CA ASN A 285 -17.98 -6.06 43.36
C ASN A 285 -18.72 -6.59 44.61
N GLU A 286 -17.97 -7.06 45.59
CA GLU A 286 -18.57 -7.63 46.80
C GLU A 286 -19.20 -6.57 47.70
N GLU A 287 -18.41 -5.60 48.13
CA GLU A 287 -18.88 -4.60 49.10
C GLU A 287 -19.84 -3.55 48.54
N PHE A 288 -19.84 -3.35 47.23
CA PHE A 288 -20.80 -2.44 46.58
C PHE A 288 -21.81 -3.11 45.66
N VAL A 289 -21.35 -3.66 44.53
CA VAL A 289 -22.24 -4.21 43.50
C VAL A 289 -23.13 -5.34 44.03
N LYS A 290 -22.56 -6.28 44.76
CA LYS A 290 -23.34 -7.37 45.33
C LYS A 290 -24.26 -6.91 46.47
N ALA A 291 -23.78 -5.95 47.26
CA ALA A 291 -24.49 -5.51 48.48
C ALA A 291 -25.70 -4.64 48.17
N LYS A 292 -25.65 -3.95 47.03
CA LYS A 292 -26.79 -3.12 46.59
C LYS A 292 -27.88 -3.96 45.93
N GLY A 293 -27.49 -4.94 45.11
CA GLY A 293 -28.43 -5.92 44.56
C GLY A 293 -29.13 -5.52 43.27
N ASP A 294 -29.21 -4.23 42.99
CA ASP A 294 -29.81 -3.72 41.75
C ASP A 294 -28.78 -2.96 40.90
N VAL A 295 -27.50 -3.20 41.21
CA VAL A 295 -26.40 -2.67 40.42
C VAL A 295 -26.00 -3.71 39.38
N LYS A 296 -25.96 -3.27 38.12
CA LYS A 296 -25.60 -4.12 36.99
C LYS A 296 -24.15 -4.61 37.10
N PRO A 297 -23.78 -5.66 36.34
CA PRO A 297 -22.42 -6.18 36.45
C PRO A 297 -21.36 -5.10 36.34
N LEU A 298 -20.26 -5.28 37.08
CA LEU A 298 -19.17 -4.33 37.08
C LEU A 298 -18.46 -4.41 35.72
N ILE A 299 -18.00 -3.26 35.25
CA ILE A 299 -17.29 -3.17 33.98
C ILE A 299 -15.88 -2.69 34.31
N THR A 300 -14.87 -3.22 33.63
CA THR A 300 -13.49 -2.71 33.79
C THR A 300 -12.74 -2.59 32.46
N VAL A 301 -11.78 -1.68 32.40
CA VAL A 301 -10.77 -1.66 31.33
C VAL A 301 -9.43 -1.96 31.97
N PRO A 302 -8.82 -3.14 31.62
CA PRO A 302 -7.50 -3.51 32.14
C PRO A 302 -6.41 -2.69 31.43
N THR A 303 -5.25 -2.54 32.06
CA THR A 303 -4.15 -1.72 31.52
C THR A 303 -3.74 -2.21 30.13
N GLU A 304 -3.72 -3.54 29.96
CA GLU A 304 -3.54 -4.17 28.64
C GLU A 304 -4.92 -4.46 28.06
N TYR A 305 -5.30 -3.74 27.01
CA TYR A 305 -6.68 -3.81 26.52
C TYR A 305 -6.86 -3.98 24.99
N ASP A 306 -5.76 -4.16 24.25
CA ASP A 306 -5.85 -4.61 22.87
C ASP A 306 -4.99 -5.87 22.76
N THR A 307 -5.27 -6.74 21.79
CA THR A 307 -4.55 -8.03 21.76
C THR A 307 -3.02 -7.88 21.77
N GLY A 308 -2.50 -6.90 21.05
CA GLY A 308 -1.05 -6.67 21.00
C GLY A 308 -0.43 -6.38 22.36
N ALA A 309 -1.15 -5.63 23.20
CA ALA A 309 -0.70 -5.37 24.59
C ALA A 309 -0.92 -6.58 25.50
N MET A 310 -1.92 -7.40 25.17
CA MET A 310 -2.39 -8.48 26.07
C MET A 310 -1.68 -9.80 25.87
N VAL A 311 -1.27 -10.06 24.64
CA VAL A 311 -0.79 -11.38 24.23
C VAL A 311 0.60 -11.31 23.59
N SER A 312 1.42 -12.32 23.88
CA SER A 312 2.69 -12.54 23.20
C SER A 312 2.78 -14.02 22.86
N ASN A 313 2.91 -14.31 21.56
CA ASN A 313 3.03 -15.68 21.04
C ASN A 313 1.92 -16.60 21.54
N GLY A 314 0.68 -16.16 21.35
CA GLY A 314 -0.50 -16.94 21.70
C GLY A 314 -0.85 -17.06 23.17
N GLN A 315 0.02 -16.53 24.03
CA GLN A 315 -0.14 -16.65 25.49
C GLN A 315 -0.29 -15.27 26.17
N PRO A 316 -1.09 -15.19 27.24
CA PRO A 316 -1.17 -13.86 27.87
C PRO A 316 0.16 -13.37 28.43
N ARG A 317 0.43 -12.07 28.33
CA ARG A 317 1.57 -11.48 29.03
C ARG A 317 1.28 -11.50 30.54
N ALA A 318 2.30 -11.24 31.35
CA ALA A 318 2.20 -11.35 32.81
C ALA A 318 0.99 -10.59 33.37
N TYR A 319 0.83 -9.33 33.00
CA TYR A 319 -0.27 -8.54 33.54
C TYR A 319 -1.62 -9.18 33.25
N THR A 320 -1.85 -9.47 31.97
CA THR A 320 -3.11 -10.00 31.51
C THR A 320 -3.40 -11.36 32.15
N ARG A 321 -2.39 -12.20 32.22
CA ARG A 321 -2.50 -13.53 32.82
C ARG A 321 -2.90 -13.47 34.30
N ILE A 322 -2.29 -12.54 35.04
CA ILE A 322 -2.61 -12.36 36.46
C ILE A 322 -4.02 -11.81 36.63
N PHE A 323 -4.36 -10.80 35.81
CA PHE A 323 -5.64 -10.12 35.84
C PHE A 323 -6.78 -11.07 35.50
N ALA A 324 -6.60 -11.87 34.44
CA ALA A 324 -7.59 -12.87 34.02
C ALA A 324 -7.82 -13.89 35.11
N GLU A 325 -6.78 -14.17 35.88
CA GLU A 325 -6.83 -15.21 36.89
C GLU A 325 -7.46 -14.71 38.20
N THR A 326 -7.43 -13.40 38.42
CA THR A 326 -7.91 -12.81 39.68
C THR A 326 -9.33 -12.23 39.54
N VAL A 327 -9.58 -11.50 38.45
CA VAL A 327 -10.85 -10.79 38.27
C VAL A 327 -12.08 -11.71 38.32
N ASP A 328 -13.06 -11.36 39.17
CA ASP A 328 -14.31 -12.12 39.32
C ASP A 328 -14.93 -12.42 37.96
N PRO A 329 -15.51 -13.63 37.80
CA PRO A 329 -16.11 -14.01 36.51
C PRO A 329 -17.35 -13.17 36.14
N SER A 330 -17.90 -12.46 37.13
CA SER A 330 -19.10 -11.66 36.94
C SER A 330 -18.81 -10.29 36.31
N ILE A 331 -17.53 -9.92 36.27
CA ILE A 331 -17.13 -8.61 35.79
C ILE A 331 -16.94 -8.56 34.26
N GLU A 332 -17.56 -7.57 33.63
CA GLU A 332 -17.37 -7.34 32.20
C GLU A 332 -15.96 -6.75 31.95
N VAL A 333 -15.25 -7.32 30.97
CA VAL A 333 -13.87 -6.88 30.67
C VAL A 333 -13.78 -6.36 29.26
N MET A 334 -13.43 -5.08 29.11
CA MET A 334 -13.39 -4.46 27.78
C MET A 334 -12.04 -4.67 27.09
N TRP A 335 -12.09 -4.84 25.77
CA TRP A 335 -10.89 -4.82 24.96
C TRP A 335 -11.25 -4.28 23.60
N THR A 336 -10.27 -3.82 22.85
CA THR A 336 -10.54 -3.01 21.67
C THR A 336 -10.36 -3.78 20.36
N GLY A 337 -10.10 -5.09 20.46
CA GLY A 337 -9.74 -5.89 19.30
C GLY A 337 -8.23 -6.10 19.19
N PRO A 338 -7.76 -6.61 18.02
CA PRO A 338 -6.34 -6.86 17.71
C PRO A 338 -5.39 -5.66 17.91
N GLY A 339 -5.87 -4.44 17.71
CA GLY A 339 -5.09 -3.20 17.92
C GLY A 339 -5.96 -2.21 18.68
N VAL A 340 -5.39 -1.07 19.06
CA VAL A 340 -6.17 0.00 19.65
C VAL A 340 -7.15 0.55 18.60
N VAL A 341 -6.62 0.79 17.39
CA VAL A 341 -7.43 1.15 16.22
C VAL A 341 -6.98 0.22 15.08
N THR A 342 -7.83 -0.73 14.68
CA THR A 342 -7.47 -1.76 13.69
C THR A 342 -8.56 -2.00 12.67
N ASN A 343 -8.19 -2.64 11.58
CA ASN A 343 -9.12 -2.94 10.48
C ASN A 343 -10.31 -3.76 10.96
N GLU A 344 -10.04 -4.78 11.78
CA GLU A 344 -11.00 -5.85 12.02
C GLU A 344 -10.99 -6.39 13.45
N ILE A 345 -12.11 -7.00 13.86
CA ILE A 345 -12.04 -8.01 14.89
C ILE A 345 -12.54 -9.30 14.27
N PRO A 346 -11.61 -10.19 13.86
CA PRO A 346 -12.00 -11.51 13.39
C PRO A 346 -12.42 -12.38 14.56
N LEU A 347 -13.15 -13.45 14.26
CA LEU A 347 -13.67 -14.35 15.28
C LEU A 347 -12.54 -14.94 16.14
N SER A 348 -11.43 -15.26 15.48
CA SER A 348 -10.26 -15.81 16.14
C SER A 348 -9.67 -14.86 17.21
N ASP A 349 -9.74 -13.56 16.99
CA ASP A 349 -9.23 -12.66 18.03
C ASP A 349 -10.10 -12.69 19.28
N ALA A 350 -11.41 -12.61 19.07
CA ALA A 350 -12.38 -12.66 20.16
C ALA A 350 -12.38 -14.05 20.85
N GLN A 351 -12.17 -15.11 20.07
CA GLN A 351 -12.02 -16.44 20.63
C GLN A 351 -10.85 -16.48 21.59
N LEU A 352 -9.70 -15.96 21.12
CA LEU A 352 -8.44 -15.99 21.88
C LEU A 352 -8.53 -15.23 23.20
N ILE A 353 -9.03 -14.00 23.14
CA ILE A 353 -9.16 -13.15 24.33
C ILE A 353 -10.22 -13.69 25.30
N SER A 354 -11.34 -14.15 24.75
CA SER A 354 -12.41 -14.75 25.55
C SER A 354 -11.96 -16.02 26.27
N GLY A 355 -11.14 -16.83 25.59
CA GLY A 355 -10.57 -18.04 26.21
C GLY A 355 -9.64 -17.66 27.36
N ILE A 356 -8.79 -16.67 27.14
CA ILE A 356 -7.89 -16.17 28.19
C ILE A 356 -8.65 -15.77 29.47
N TYR A 357 -9.75 -15.04 29.27
CA TYR A 357 -10.60 -14.56 30.36
C TYR A 357 -11.76 -15.50 30.74
N ASN A 358 -11.91 -16.60 30.00
CA ASN A 358 -12.95 -17.61 30.28
C ASN A 358 -14.35 -17.00 30.47
N ARG A 359 -14.71 -16.08 29.57
CA ARG A 359 -15.99 -15.39 29.61
C ARG A 359 -16.25 -14.64 28.30
N ASN A 360 -17.51 -14.30 28.05
CA ASN A 360 -17.88 -13.37 26.99
C ASN A 360 -17.30 -12.00 27.31
N MET A 361 -16.73 -11.36 26.28
CA MET A 361 -15.97 -10.11 26.41
C MET A 361 -16.80 -8.88 26.06
N ALA A 362 -16.36 -7.72 26.56
CA ALA A 362 -16.94 -6.44 26.18
C ALA A 362 -16.02 -5.82 25.13
N VAL A 363 -16.62 -5.24 24.08
CA VAL A 363 -15.82 -4.57 23.02
C VAL A 363 -15.89 -3.07 23.20
N TRP A 364 -14.73 -2.44 23.14
CA TRP A 364 -14.58 -0.99 23.02
C TRP A 364 -14.03 -0.72 21.60
N TRP A 365 -14.88 -0.31 20.68
CA TRP A 365 -14.47 -0.21 19.29
C TRP A 365 -14.12 1.23 18.95
N ASN A 366 -12.85 1.47 18.68
CA ASN A 366 -12.34 2.82 18.32
C ASN A 366 -12.58 3.25 16.88
N TYR A 367 -13.86 3.31 16.54
CA TYR A 367 -14.36 3.90 15.28
C TYR A 367 -15.83 4.22 15.61
N PRO A 368 -16.32 5.43 15.28
CA PRO A 368 -15.70 6.49 14.42
C PRO A 368 -14.75 7.50 15.06
N VAL A 369 -14.29 7.27 16.31
CA VAL A 369 -13.37 8.24 16.95
C VAL A 369 -12.28 8.73 15.96
N THR A 370 -12.01 10.05 15.95
CA THR A 370 -10.99 10.63 15.07
C THR A 370 -9.96 11.47 15.83
N ASP A 371 -9.91 11.34 17.15
CA ASP A 371 -9.04 12.14 18.00
C ASP A 371 -7.54 12.07 17.67
N TYR A 372 -7.12 11.03 16.97
CA TYR A 372 -5.71 10.81 16.64
C TYR A 372 -5.38 11.33 15.21
N PHE A 373 -6.42 11.75 14.49
CA PHE A 373 -6.29 12.21 13.07
C PHE A 373 -7.50 13.11 12.75
N LYS A 374 -7.55 14.25 13.42
CA LYS A 374 -8.76 15.06 13.54
C LYS A 374 -9.19 15.79 12.27
N GLY A 375 -8.25 15.99 11.34
CA GLY A 375 -8.61 16.60 10.03
C GLY A 375 -9.63 15.80 9.24
N LYS A 376 -9.72 14.50 9.53
CA LYS A 376 -10.65 13.64 8.81
C LYS A 376 -11.85 13.24 9.65
N LEU A 377 -13.01 13.19 8.98
CA LEU A 377 -14.30 12.74 9.52
C LEU A 377 -14.51 11.27 9.20
N ALA A 378 -14.92 10.49 10.20
CA ALA A 378 -15.13 9.07 9.98
C ALA A 378 -16.62 8.82 9.87
N LEU A 379 -17.04 8.66 8.62
CA LEU A 379 -18.46 8.67 8.22
C LEU A 379 -18.91 7.36 7.63
N GLY A 380 -18.17 6.29 7.86
CA GLY A 380 -18.53 4.98 7.34
C GLY A 380 -19.19 4.09 8.39
N PRO A 381 -19.57 2.87 7.97
CA PRO A 381 -20.31 1.92 8.76
C PRO A 381 -19.37 1.12 9.68
N MET A 382 -19.94 0.40 10.65
CA MET A 382 -19.20 -0.70 11.26
C MET A 382 -18.66 -1.56 10.14
N HIS A 383 -17.36 -1.84 10.19
CA HIS A 383 -16.67 -2.53 9.10
C HIS A 383 -15.52 -3.29 9.70
N GLY A 384 -15.39 -4.57 9.33
CA GLY A 384 -14.29 -5.37 9.78
C GLY A 384 -14.69 -6.24 10.97
N LEU A 385 -15.89 -6.03 11.50
CA LEU A 385 -16.31 -6.78 12.67
C LEU A 385 -16.95 -8.09 12.27
N ASP A 386 -16.44 -9.18 12.85
CA ASP A 386 -16.92 -10.47 12.44
C ASP A 386 -18.40 -10.60 12.81
N LYS A 387 -19.20 -11.01 11.83
CA LYS A 387 -20.63 -11.16 12.03
C LYS A 387 -21.03 -12.30 12.98
N GLY A 388 -20.04 -13.07 13.44
CA GLY A 388 -20.24 -14.09 14.47
C GLY A 388 -19.70 -13.72 15.84
N LEU A 389 -19.33 -12.45 16.04
CA LEU A 389 -18.67 -11.99 17.27
C LEU A 389 -19.46 -12.27 18.54
N ASN A 390 -20.78 -12.32 18.41
CA ASN A 390 -21.69 -12.59 19.52
C ASN A 390 -21.46 -13.90 20.30
N GLN A 391 -20.78 -14.85 19.68
CA GLN A 391 -20.38 -16.10 20.38
C GLN A 391 -19.46 -15.80 21.55
N TYR A 392 -18.58 -14.81 21.38
CA TYR A 392 -17.54 -14.48 22.35
C TYR A 392 -17.72 -13.12 23.01
N VAL A 393 -18.71 -12.38 22.53
CA VAL A 393 -18.95 -11.01 22.96
C VAL A 393 -20.42 -10.80 23.28
N ASP A 394 -20.73 -10.24 24.44
CA ASP A 394 -22.11 -9.91 24.77
C ASP A 394 -22.24 -8.46 25.23
N PHE A 395 -21.26 -7.65 24.86
CA PHE A 395 -21.23 -6.25 25.25
C PHE A 395 -20.46 -5.47 24.18
N PHE A 396 -21.14 -4.57 23.48
CA PHE A 396 -20.49 -3.86 22.36
C PHE A 396 -20.70 -2.35 22.46
N THR A 397 -19.59 -1.60 22.45
CA THR A 397 -19.68 -0.16 22.42
C THR A 397 -18.72 0.41 21.38
N VAL A 398 -19.05 1.60 20.87
CA VAL A 398 -18.15 2.34 20.03
C VAL A 398 -17.73 3.64 20.71
N ASN A 399 -16.50 4.03 20.40
CA ASN A 399 -15.95 5.32 20.75
C ASN A 399 -16.19 6.23 19.54
N PRO A 400 -17.05 7.26 19.70
CA PRO A 400 -17.39 8.12 18.57
C PRO A 400 -16.46 9.33 18.46
N MET A 401 -16.77 10.27 17.55
CA MET A 401 -15.98 11.48 17.37
C MET A 401 -16.41 12.57 18.35
N GLU A 402 -15.53 13.56 18.56
CA GLU A 402 -15.92 14.80 19.23
C GLU A 402 -17.09 15.42 18.48
N HIS A 403 -17.23 15.05 17.20
CA HIS A 403 -18.31 15.57 16.34
C HIS A 403 -19.55 14.71 16.56
N ALA A 404 -20.41 15.16 17.48
CA ALA A 404 -21.57 14.40 17.92
C ALA A 404 -22.59 14.13 16.80
N GLU A 405 -22.85 15.14 15.98
CA GLU A 405 -23.89 15.01 14.99
C GLU A 405 -23.50 14.01 13.91
N LEU A 406 -22.30 14.16 13.37
CA LEU A 406 -21.91 13.30 12.26
C LEU A 406 -21.53 11.90 12.72
N SER A 407 -21.35 11.73 14.03
CA SER A 407 -21.11 10.40 14.61
C SER A 407 -22.35 9.52 14.49
N LYS A 408 -23.53 10.14 14.34
CA LYS A 408 -24.77 9.41 14.21
C LYS A 408 -24.78 8.44 13.02
N ILE A 409 -24.19 8.81 11.89
CA ILE A 409 -24.10 7.90 10.72
C ILE A 409 -23.55 6.54 11.12
N SER A 410 -22.37 6.56 11.73
CA SER A 410 -21.69 5.35 12.08
C SER A 410 -22.36 4.65 13.28
N ILE A 411 -22.80 5.45 14.27
CA ILE A 411 -23.50 4.90 15.45
C ILE A 411 -24.79 4.20 15.03
N HIS A 412 -25.49 4.78 14.05
CA HIS A 412 -26.72 4.22 13.48
C HIS A 412 -26.43 2.79 13.01
N THR A 413 -25.31 2.60 12.31
CA THR A 413 -24.89 1.28 11.79
C THR A 413 -24.44 0.32 12.88
N ALA A 414 -23.87 0.88 13.96
CA ALA A 414 -23.52 0.06 15.13
C ALA A 414 -24.78 -0.49 15.82
N ALA A 415 -25.84 0.32 15.83
CA ALA A 415 -27.13 -0.12 16.35
C ALA A 415 -27.68 -1.32 15.59
N ASP A 416 -27.56 -1.30 14.26
CA ASP A 416 -28.01 -2.42 13.43
C ASP A 416 -27.16 -3.66 13.65
N TYR A 417 -25.84 -3.46 13.69
CA TYR A 417 -24.86 -4.52 13.84
C TYR A 417 -25.07 -5.27 15.15
N SER A 418 -25.30 -4.51 16.22
CA SER A 418 -25.39 -5.12 17.55
C SER A 418 -26.78 -5.65 17.92
N TRP A 419 -27.82 -5.15 17.25
CA TRP A 419 -29.18 -5.64 17.43
C TRP A 419 -29.49 -6.81 16.50
N ASN A 420 -29.08 -6.72 15.24
CA ASN A 420 -29.31 -7.80 14.29
C ASN A 420 -28.02 -8.18 13.57
N MET A 421 -27.15 -8.93 14.25
CA MET A 421 -25.77 -9.15 13.80
C MET A 421 -25.67 -10.07 12.58
N ASP A 422 -26.51 -11.11 12.55
CA ASP A 422 -26.44 -12.11 11.48
C ASP A 422 -26.75 -11.52 10.11
N ASN A 423 -27.66 -10.56 10.08
CA ASN A 423 -28.09 -9.97 8.82
C ASN A 423 -27.41 -8.63 8.46
N TYR A 424 -26.42 -8.23 9.26
CA TYR A 424 -25.79 -6.93 9.05
C TYR A 424 -25.07 -6.92 7.71
N ASP A 425 -25.29 -5.86 6.96
CA ASP A 425 -24.69 -5.63 5.67
C ASP A 425 -24.27 -4.17 5.66
N TYR A 426 -22.95 -3.93 5.70
CA TYR A 426 -22.42 -2.62 6.00
C TYR A 426 -22.79 -1.59 4.95
N ASP A 427 -22.85 -1.98 3.68
CA ASP A 427 -23.20 -1.04 2.62
C ASP A 427 -24.67 -0.64 2.73
N LYS A 428 -25.53 -1.64 2.95
CA LYS A 428 -26.96 -1.39 3.06
C LYS A 428 -27.23 -0.56 4.33
N ALA A 429 -26.59 -0.91 5.45
CA ALA A 429 -26.73 -0.16 6.69
C ALA A 429 -26.22 1.27 6.56
N TRP A 430 -25.11 1.46 5.84
CA TRP A 430 -24.55 2.79 5.61
C TRP A 430 -25.52 3.67 4.83
N ASN A 431 -26.07 3.12 3.74
CA ASN A 431 -27.11 3.78 2.97
C ASN A 431 -28.34 4.10 3.77
N ARG A 432 -28.83 3.14 4.53
CA ARG A 432 -30.00 3.34 5.38
C ARG A 432 -29.78 4.44 6.41
N ALA A 433 -28.62 4.45 7.06
CA ALA A 433 -28.31 5.45 8.07
C ALA A 433 -28.40 6.86 7.50
N ILE A 434 -27.86 7.04 6.30
CA ILE A 434 -27.87 8.34 5.64
C ILE A 434 -29.26 8.71 5.10
N ASP A 435 -29.99 7.73 4.56
CA ASP A 435 -31.40 7.89 4.20
C ASP A 435 -32.24 8.34 5.40
N MET A 436 -32.12 7.65 6.52
CA MET A 436 -32.95 7.95 7.70
C MET A 436 -32.56 9.24 8.43
N LEU A 437 -31.32 9.67 8.24
CA LEU A 437 -30.78 10.81 8.98
C LEU A 437 -30.84 12.11 8.20
N TYR A 438 -30.71 12.02 6.87
CA TYR A 438 -30.50 13.23 6.04
C TYR A 438 -31.66 13.65 5.15
N GLY A 439 -32.67 12.76 5.04
CA GLY A 439 -33.89 13.04 4.29
C GLY A 439 -33.62 13.41 2.84
N ASP A 440 -34.07 14.60 2.46
CA ASP A 440 -33.93 15.10 1.10
C ASP A 440 -32.48 15.38 0.72
N LEU A 441 -31.59 15.51 1.71
CA LEU A 441 -30.14 15.64 1.43
C LEU A 441 -29.37 14.34 1.43
N ALA A 442 -30.06 13.21 1.61
CA ALA A 442 -29.43 11.89 1.73
C ALA A 442 -28.51 11.57 0.56
N GLU A 443 -28.98 11.76 -0.66
CA GLU A 443 -28.16 11.36 -1.83
C GLU A 443 -26.91 12.22 -1.95
N ASP A 444 -27.03 13.53 -1.70
CA ASP A 444 -25.84 14.41 -1.65
C ASP A 444 -24.92 14.08 -0.50
N MET A 445 -25.47 13.74 0.67
CA MET A 445 -24.64 13.39 1.80
C MET A 445 -23.90 12.09 1.57
N LYS A 446 -24.54 11.14 0.89
CA LYS A 446 -23.82 9.95 0.45
C LYS A 446 -22.63 10.28 -0.45
N VAL A 447 -22.76 11.22 -1.37
CA VAL A 447 -21.64 11.52 -2.25
C VAL A 447 -20.41 11.94 -1.43
N PHE A 448 -20.66 12.83 -0.47
CA PHE A 448 -19.64 13.38 0.40
C PHE A 448 -19.08 12.34 1.37
N ALA A 449 -19.96 11.74 2.18
CA ALA A 449 -19.56 10.75 3.19
C ALA A 449 -18.81 9.55 2.59
N ASN A 450 -19.22 9.13 1.38
CA ASN A 450 -18.55 8.05 0.66
C ASN A 450 -17.04 8.24 0.52
N HIS A 451 -16.59 9.49 0.51
CA HIS A 451 -15.16 9.83 0.39
C HIS A 451 -14.47 9.94 1.73
N SER A 452 -15.16 9.62 2.82
CA SER A 452 -14.64 9.91 4.13
C SER A 452 -14.99 8.81 5.13
N THR A 453 -14.67 7.57 4.77
CA THR A 453 -14.99 6.41 5.59
C THR A 453 -13.71 5.77 6.16
N ARG A 454 -12.59 5.96 5.46
CA ARG A 454 -11.31 5.29 5.79
C ARG A 454 -10.41 6.13 6.68
N MET A 455 -10.03 5.57 7.83
CA MET A 455 -9.16 6.28 8.78
C MET A 455 -7.77 5.65 8.77
N ASP A 456 -6.74 6.47 8.73
CA ASP A 456 -5.39 5.90 8.61
C ASP A 456 -4.41 7.03 8.89
N ASN A 457 -3.72 6.94 10.03
CA ASN A 457 -2.71 7.94 10.42
C ASN A 457 -1.32 7.63 9.88
N LYS A 458 -1.26 6.57 9.08
CA LYS A 458 -0.02 6.12 8.43
C LYS A 458 0.95 5.35 9.32
N THR A 459 0.67 5.23 10.62
CA THR A 459 1.53 4.49 11.51
C THR A 459 0.69 3.43 12.21
N TRP A 460 0.26 3.66 13.46
CA TRP A 460 -0.41 2.59 14.26
C TRP A 460 -1.95 2.49 14.11
N ALA A 461 -2.61 3.50 13.55
CA ALA A 461 -4.07 3.53 13.58
C ALA A 461 -4.70 3.54 12.20
N LYS A 462 -5.49 2.50 11.92
CA LYS A 462 -6.13 2.26 10.64
C LYS A 462 -7.43 1.57 10.90
N SER A 463 -8.52 2.12 10.38
CA SER A 463 -9.78 1.36 10.38
C SER A 463 -10.79 1.98 9.43
N GLY A 464 -11.75 1.13 9.02
CA GLY A 464 -12.92 1.57 8.25
C GLY A 464 -12.90 1.08 6.82
N ARG A 465 -14.06 1.14 6.18
CA ARG A 465 -14.23 0.81 4.78
C ARG A 465 -13.42 1.78 3.93
N GLU A 466 -12.80 1.27 2.85
CA GLU A 466 -12.02 2.13 1.93
C GLU A 466 -12.88 3.29 1.46
N ASP A 467 -12.32 4.49 1.29
CA ASP A 467 -13.06 5.58 0.63
C ASP A 467 -13.46 5.18 -0.77
N ALA A 468 -14.63 5.69 -1.23
CA ALA A 468 -15.12 5.60 -2.61
C ALA A 468 -14.57 4.45 -3.45
N PRO A 469 -14.84 3.17 -3.09
CA PRO A 469 -14.29 2.00 -3.78
C PRO A 469 -14.55 1.93 -5.30
N GLU A 470 -15.78 2.24 -5.70
CA GLU A 470 -16.21 2.22 -7.09
C GLU A 470 -15.46 3.24 -7.92
N LEU A 471 -15.35 4.47 -7.40
CA LEU A 471 -14.63 5.52 -8.07
C LEU A 471 -13.17 5.11 -8.16
N ARG A 472 -12.60 4.66 -7.06
CA ARG A 472 -11.24 4.14 -7.08
C ARG A 472 -11.06 3.04 -8.15
N ALA A 473 -12.02 2.14 -8.33
CA ALA A 473 -11.86 1.11 -9.36
C ALA A 473 -11.94 1.71 -10.78
N LYS A 474 -12.78 2.72 -10.97
CA LYS A 474 -12.85 3.41 -12.25
C LYS A 474 -11.56 4.14 -12.61
N MET A 475 -10.93 4.76 -11.62
CA MET A 475 -9.65 5.43 -11.80
C MET A 475 -8.55 4.46 -12.19
N ASP A 476 -8.51 3.29 -11.53
CA ASP A 476 -7.59 2.21 -11.89
C ASP A 476 -7.75 1.75 -13.32
N GLU A 477 -8.98 1.58 -13.74
CA GLU A 477 -9.24 1.19 -15.12
C GLU A 477 -8.79 2.29 -16.09
N LEU A 478 -8.87 3.57 -15.69
CA LEU A 478 -8.40 4.64 -16.56
C LEU A 478 -6.90 4.44 -16.88
N TRP A 479 -6.10 4.28 -15.83
CA TRP A 479 -4.65 4.09 -15.97
C TRP A 479 -4.35 2.84 -16.77
N ASN A 480 -5.09 1.76 -16.51
CA ASN A 480 -4.94 0.53 -17.29
C ASN A 480 -5.21 0.73 -18.78
N LYS A 481 -6.28 1.44 -19.12
CA LYS A 481 -6.59 1.71 -20.51
C LYS A 481 -5.55 2.58 -21.16
N LEU A 482 -5.18 3.67 -20.50
CA LEU A 482 -4.22 4.62 -21.08
C LEU A 482 -2.82 4.02 -21.30
N SER A 483 -2.32 3.27 -20.30
CA SER A 483 -1.04 2.54 -20.47
C SER A 483 -1.11 1.39 -21.48
N SER A 484 -2.31 0.92 -21.80
CA SER A 484 -2.46 -0.15 -22.80
C SER A 484 -2.72 0.45 -24.16
N LYS A 485 -2.73 1.77 -24.25
CA LYS A 485 -3.14 2.47 -25.47
C LYS A 485 -4.53 2.02 -25.93
N GLU A 486 -5.42 1.74 -24.98
CA GLU A 486 -6.83 1.54 -25.28
C GLU A 486 -7.61 2.86 -25.24
N ASP A 487 -8.60 3.01 -26.12
CA ASP A 487 -9.41 4.22 -26.14
C ASP A 487 -10.11 4.43 -24.81
N ALA A 488 -9.86 5.57 -24.17
CA ALA A 488 -10.39 5.79 -22.84
C ALA A 488 -11.50 6.84 -22.84
N SER A 489 -11.91 7.26 -24.05
CA SER A 489 -12.81 8.40 -24.25
C SER A 489 -14.08 8.35 -23.39
N ALA A 490 -14.71 7.18 -23.38
CA ALA A 490 -15.97 7.00 -22.66
C ALA A 490 -15.76 7.02 -21.14
N LEU A 491 -14.68 6.39 -20.67
CA LEU A 491 -14.35 6.43 -19.24
C LEU A 491 -13.98 7.83 -18.75
N ILE A 492 -13.27 8.59 -19.58
CA ILE A 492 -12.94 9.98 -19.27
C ILE A 492 -14.23 10.79 -19.11
N GLU A 493 -15.17 10.63 -20.07
CA GLU A 493 -16.46 11.36 -19.96
C GLU A 493 -17.19 10.97 -18.66
N GLU A 494 -17.18 9.69 -18.35
CA GLU A 494 -17.79 9.19 -17.13
C GLU A 494 -17.18 9.81 -15.87
N LEU A 495 -15.85 9.89 -15.83
CA LEU A 495 -15.15 10.47 -14.71
C LEU A 495 -15.38 11.98 -14.57
N TYR A 496 -15.44 12.71 -15.69
CA TYR A 496 -15.90 14.09 -15.64
C TYR A 496 -17.27 14.19 -14.92
N GLY A 497 -18.16 13.23 -15.18
CA GLY A 497 -19.47 13.16 -14.51
C GLY A 497 -19.35 12.96 -12.99
N GLU A 498 -18.49 12.05 -12.59
CA GLU A 498 -18.24 11.78 -11.16
C GLU A 498 -17.69 13.03 -10.44
N PHE A 499 -16.78 13.74 -11.09
CA PHE A 499 -16.10 14.85 -10.43
C PHE A 499 -17.03 16.05 -10.34
N ALA A 500 -17.84 16.24 -11.38
CA ALA A 500 -18.85 17.32 -11.36
C ALA A 500 -19.87 16.99 -10.26
N ARG A 501 -20.21 15.71 -10.14
CA ARG A 501 -21.17 15.32 -9.13
C ARG A 501 -20.70 15.60 -7.70
N MET A 502 -19.41 15.35 -7.41
CA MET A 502 -18.81 15.57 -6.10
C MET A 502 -18.89 17.04 -5.74
N GLU A 503 -18.53 17.87 -6.71
CA GLU A 503 -18.54 19.30 -6.48
C GLU A 503 -19.98 19.78 -6.24
N GLU A 504 -20.90 19.37 -7.11
CA GLU A 504 -22.30 19.81 -6.99
C GLU A 504 -22.93 19.36 -5.66
N ALA A 505 -22.78 18.08 -5.32
CA ALA A 505 -23.24 17.56 -4.04
C ALA A 505 -22.70 18.38 -2.89
N CYS A 506 -21.39 18.67 -2.91
CA CYS A 506 -20.77 19.39 -1.79
C CYS A 506 -21.29 20.81 -1.69
N ASN A 507 -21.50 21.45 -2.82
CA ASN A 507 -22.10 22.77 -2.84
C ASN A 507 -23.54 22.79 -2.35
N ASN A 508 -24.32 21.78 -2.69
CA ASN A 508 -25.67 21.70 -2.15
C ASN A 508 -25.68 21.44 -0.64
N LEU A 509 -24.69 20.69 -0.14
CA LEU A 509 -24.60 20.45 1.31
C LEU A 509 -24.22 21.71 2.07
N LYS A 510 -23.28 22.48 1.53
CA LYS A 510 -22.93 23.80 2.05
C LYS A 510 -24.10 24.77 2.09
N ALA A 511 -24.93 24.73 1.06
CA ALA A 511 -26.13 25.56 1.00
C ALA A 511 -27.28 25.09 1.93
N ASN A 512 -27.45 23.78 2.08
CA ASN A 512 -28.68 23.27 2.67
C ASN A 512 -28.56 22.40 3.92
N LEU A 513 -27.36 21.89 4.24
CA LEU A 513 -27.20 21.19 5.51
C LEU A 513 -27.63 22.06 6.70
N PRO A 514 -28.37 21.48 7.65
CA PRO A 514 -28.66 22.24 8.87
C PRO A 514 -27.34 22.61 9.53
N GLU A 515 -27.33 23.73 10.24
CA GLU A 515 -26.10 24.20 10.87
C GLU A 515 -25.48 23.16 11.81
N VAL A 516 -26.30 22.44 12.57
CA VAL A 516 -25.79 21.44 13.50
C VAL A 516 -24.85 20.43 12.80
N ALA A 517 -25.14 20.12 11.54
CA ALA A 517 -24.25 19.22 10.78
C ALA A 517 -23.14 20.01 10.06
N LEU A 518 -23.52 21.07 9.37
CA LEU A 518 -22.56 21.88 8.60
C LEU A 518 -21.33 22.35 9.41
N GLU A 519 -21.56 22.75 10.67
CA GLU A 519 -20.48 23.25 11.54
C GLU A 519 -19.40 22.20 11.81
N GLU A 520 -19.77 20.93 11.69
CA GLU A 520 -18.84 19.86 11.92
C GLU A 520 -18.04 19.52 10.65
N CYS A 521 -18.56 19.87 9.47
CA CYS A 521 -17.94 19.41 8.21
C CYS A 521 -17.63 20.47 7.16
N SER A 522 -17.78 21.75 7.49
CA SER A 522 -17.62 22.76 6.47
C SER A 522 -16.26 22.69 5.76
N ARG A 523 -15.17 22.48 6.52
CA ARG A 523 -13.83 22.47 5.95
C ARG A 523 -13.61 21.28 5.03
N GLN A 524 -14.16 20.14 5.40
CA GLN A 524 -14.00 18.88 4.63
C GLN A 524 -14.80 18.93 3.33
N LEU A 525 -15.95 19.61 3.35
CA LEU A 525 -16.73 19.89 2.14
C LEU A 525 -15.93 20.74 1.19
N ASP A 526 -15.29 21.79 1.70
CA ASP A 526 -14.48 22.67 0.86
C ASP A 526 -13.28 21.93 0.29
N GLU A 527 -12.69 21.05 1.09
CA GLU A 527 -11.60 20.15 0.64
C GLU A 527 -11.99 19.24 -0.51
N LEU A 528 -13.11 18.56 -0.37
CA LEU A 528 -13.56 17.64 -1.44
C LEU A 528 -13.86 18.39 -2.75
N ILE A 529 -14.42 19.59 -2.63
CA ILE A 529 -14.65 20.44 -3.79
C ILE A 529 -13.31 20.76 -4.44
N THR A 530 -12.33 21.21 -3.65
CA THR A 530 -10.99 21.51 -4.17
C THR A 530 -10.42 20.30 -4.90
N LEU A 531 -10.55 19.13 -4.26
CA LEU A 531 -10.03 17.91 -4.84
C LEU A 531 -10.75 17.49 -6.13
N ALA A 532 -12.08 17.68 -6.15
CA ALA A 532 -12.87 17.39 -7.36
C ALA A 532 -12.46 18.30 -8.54
N GLN A 533 -12.15 19.55 -8.22
CA GLN A 533 -11.69 20.48 -9.26
C GLN A 533 -10.30 20.12 -9.79
N GLY A 534 -9.42 19.66 -8.89
CA GLY A 534 -8.09 19.16 -9.26
C GLY A 534 -8.19 17.86 -10.07
N ASP A 535 -9.18 17.03 -9.73
CA ASP A 535 -9.48 15.78 -10.48
C ASP A 535 -9.93 16.13 -11.88
N LYS A 536 -10.82 17.12 -11.99
CA LYS A 536 -11.32 17.56 -13.30
C LYS A 536 -10.14 18.12 -14.14
N ALA A 537 -9.31 18.95 -13.52
CA ALA A 537 -8.12 19.50 -14.20
C ALA A 537 -7.13 18.41 -14.63
N SER A 538 -7.09 17.32 -13.87
CA SER A 538 -6.23 16.18 -14.18
C SER A 538 -6.70 15.47 -15.45
N LEU A 539 -8.00 15.25 -15.57
CA LEU A 539 -8.56 14.81 -16.86
C LEU A 539 -8.26 15.76 -18.01
N ASP A 540 -8.37 17.07 -17.77
CA ASP A 540 -8.10 18.06 -18.82
C ASP A 540 -6.67 17.88 -19.34
N MET A 541 -5.73 17.63 -18.41
CA MET A 541 -4.32 17.33 -18.68
C MET A 541 -4.17 16.11 -19.61
N ILE A 542 -4.76 14.99 -19.20
CA ILE A 542 -4.75 13.78 -20.04
C ILE A 542 -5.33 14.06 -21.44
N VAL A 543 -6.51 14.70 -21.50
CA VAL A 543 -7.17 14.96 -22.78
C VAL A 543 -6.27 15.84 -23.66
N ALA A 544 -5.58 16.80 -23.03
CA ALA A 544 -4.67 17.67 -23.79
C ALA A 544 -3.55 16.83 -24.38
N GLN A 545 -3.04 15.89 -23.60
CA GLN A 545 -1.95 15.06 -24.06
C GLN A 545 -2.43 14.17 -25.21
N LEU A 546 -3.64 13.63 -25.09
CA LEU A 546 -4.22 12.84 -26.18
C LEU A 546 -4.33 13.67 -27.46
N ASN A 547 -4.59 14.97 -27.30
CA ASN A 547 -4.77 15.87 -28.43
C ASN A 547 -3.47 16.57 -28.84
N GLU A 548 -2.38 16.29 -28.12
CA GLU A 548 -1.09 16.97 -28.33
C GLU A 548 -1.24 18.50 -28.33
N ASP A 549 -2.02 18.98 -27.37
CA ASP A 549 -2.20 20.39 -27.16
C ASP A 549 -1.36 20.75 -25.93
N THR A 550 -0.15 21.23 -26.21
CA THR A 550 0.84 21.48 -25.16
C THR A 550 0.40 22.65 -24.26
N GLU A 551 -0.28 23.61 -24.85
CA GLU A 551 -0.79 24.79 -24.15
C GLU A 551 -1.95 24.44 -23.25
N ALA A 552 -2.83 23.57 -23.73
CA ALA A 552 -3.95 23.13 -22.92
C ALA A 552 -3.45 22.23 -21.77
N TYR A 553 -2.37 21.48 -22.02
CA TYR A 553 -1.73 20.60 -21.03
C TYR A 553 -1.12 21.38 -19.87
N GLU A 554 -0.45 22.47 -20.22
CA GLU A 554 0.27 23.29 -19.25
C GLU A 554 -0.69 24.06 -18.35
N SER A 555 -1.77 24.57 -18.95
CA SER A 555 -2.82 25.23 -18.21
C SER A 555 -3.61 24.29 -17.31
N ALA A 556 -3.85 23.06 -17.75
CA ALA A 556 -4.54 22.09 -16.89
C ALA A 556 -3.60 21.63 -15.78
N LYS A 557 -2.32 21.41 -16.10
CA LYS A 557 -1.35 20.96 -15.10
C LYS A 557 -1.15 21.97 -13.96
N GLU A 558 -1.02 23.24 -14.30
CA GLU A 558 -0.91 24.34 -13.30
C GLU A 558 -2.09 24.28 -12.31
N ILE A 559 -3.31 24.14 -12.82
CA ILE A 559 -4.49 24.08 -11.96
C ILE A 559 -4.49 22.83 -11.08
N ALA A 560 -4.25 21.65 -11.69
CA ALA A 560 -4.23 20.39 -10.97
C ALA A 560 -3.27 20.46 -9.79
N GLN A 561 -2.08 20.96 -10.05
CA GLN A 561 -1.04 21.09 -9.04
C GLN A 561 -1.40 22.08 -7.94
N ASN A 562 -1.99 23.22 -8.30
CA ASN A 562 -2.40 24.17 -7.27
C ASN A 562 -3.54 23.65 -6.40
N LYS A 563 -4.46 22.91 -7.00
CA LYS A 563 -5.59 22.33 -6.29
C LYS A 563 -5.10 21.26 -5.33
N LEU A 564 -4.21 20.38 -5.81
CA LEU A 564 -3.54 19.40 -4.92
C LEU A 564 -2.83 20.09 -3.75
N ASN A 565 -2.10 21.14 -4.05
CA ASN A 565 -1.32 21.85 -3.03
C ASN A 565 -2.15 22.52 -1.98
N THR A 566 -3.28 23.13 -2.39
CA THR A 566 -4.28 23.67 -1.45
C THR A 566 -4.76 22.55 -0.50
N ALA A 567 -5.12 21.41 -1.07
CA ALA A 567 -5.58 20.26 -0.26
C ALA A 567 -4.53 19.73 0.70
N LEU A 568 -3.31 19.56 0.23
CA LEU A 568 -2.22 19.11 1.08
C LEU A 568 -1.91 20.07 2.22
N SER A 569 -1.97 21.38 1.98
CA SER A 569 -1.71 22.33 3.04
C SER A 569 -2.86 22.57 4.02
N SER A 570 -4.07 22.15 3.69
CA SER A 570 -5.25 22.42 4.52
C SER A 570 -5.34 21.49 5.73
N PHE A 571 -5.90 21.97 6.83
CA PHE A 571 -6.21 21.12 7.99
C PHE A 571 -7.08 19.90 7.64
N ALA A 572 -8.10 20.14 6.81
CA ALA A 572 -9.08 19.13 6.49
C ALA A 572 -8.45 18.03 5.63
N VAL A 573 -8.87 16.78 5.88
CA VAL A 573 -8.35 15.61 5.16
C VAL A 573 -9.53 14.76 4.69
N ILE A 574 -9.49 14.31 3.43
CA ILE A 574 -10.56 13.52 2.87
C ILE A 574 -10.06 12.81 1.60
N SER A 575 -10.56 11.62 1.39
CA SER A 575 -10.36 10.86 0.14
C SER A 575 -8.89 10.74 -0.26
N GLU A 576 -8.00 10.56 0.72
CA GLU A 576 -6.56 10.56 0.46
C GLU A 576 -6.16 9.60 -0.69
N LYS A 577 -6.72 8.40 -0.70
CA LYS A 577 -6.31 7.36 -1.66
C LYS A 577 -7.11 7.41 -2.94
N VAL A 578 -8.00 8.39 -3.04
CA VAL A 578 -8.94 8.41 -4.14
C VAL A 578 -8.91 9.75 -4.85
N ALA A 579 -9.74 10.71 -4.43
CA ALA A 579 -9.75 12.02 -5.08
C ALA A 579 -8.40 12.69 -5.01
N GLN A 580 -7.70 12.53 -3.87
CA GLN A 580 -6.40 13.21 -3.72
C GLN A 580 -5.30 12.53 -4.51
N SER A 581 -5.14 11.24 -4.28
CA SER A 581 -4.14 10.43 -4.97
C SER A 581 -4.28 10.47 -6.52
N PHE A 582 -5.50 10.58 -7.04
CA PHE A 582 -5.73 10.66 -8.49
C PHE A 582 -4.95 11.78 -9.18
N ILE A 583 -4.92 12.95 -8.56
CA ILE A 583 -4.13 14.10 -9.06
C ILE A 583 -2.64 13.79 -9.09
N GLN A 584 -2.13 13.20 -8.01
CA GLN A 584 -0.72 12.77 -7.94
C GLN A 584 -0.42 11.71 -9.04
N GLU A 585 -1.31 10.73 -9.19
CA GLU A 585 -1.20 9.71 -10.25
C GLU A 585 -1.19 10.35 -11.63
N ALA A 586 -2.08 11.31 -11.85
CA ALA A 586 -2.17 11.96 -13.17
C ALA A 586 -0.94 12.80 -13.49
N LEU A 587 -0.44 13.52 -12.49
CA LEU A 587 0.78 14.31 -12.61
C LEU A 587 2.03 13.46 -12.85
N SER A 588 2.05 12.23 -12.33
CA SER A 588 3.18 11.33 -12.58
C SER A 588 3.04 10.48 -13.85
N PHE A 589 1.89 10.60 -14.52
CA PHE A 589 1.61 9.79 -15.72
C PHE A 589 2.18 10.51 -16.93
N ASP A 590 2.85 9.81 -17.83
CA ASP A 590 3.39 10.45 -19.03
C ASP A 590 2.83 9.78 -20.24
N LEU A 591 1.76 10.35 -20.77
CA LEU A 591 1.06 9.81 -21.91
C LEU A 591 1.84 9.91 -23.22
N THR A 592 2.80 10.85 -23.28
CA THR A 592 3.61 11.07 -24.49
C THR A 592 4.56 9.91 -24.80
N LEU A 593 4.82 9.09 -23.79
CA LEU A 593 5.75 7.96 -23.93
C LEU A 593 5.04 6.60 -24.01
N ILE A 594 3.71 6.59 -24.07
CA ILE A 594 2.98 5.32 -24.16
C ILE A 594 2.95 4.76 -25.60
N VAL B 11 47.74 -12.61 -1.68
CA VAL B 11 46.90 -13.68 -1.04
C VAL B 11 45.41 -13.67 -1.45
N LEU B 12 44.73 -12.54 -1.29
CA LEU B 12 43.25 -12.49 -1.41
C LEU B 12 42.67 -12.34 -2.82
N VAL B 13 41.50 -12.93 -3.05
CA VAL B 13 40.77 -12.75 -4.31
C VAL B 13 40.03 -11.40 -4.34
N PRO B 14 40.33 -10.55 -5.35
CA PRO B 14 39.62 -9.28 -5.52
C PRO B 14 38.16 -9.50 -5.98
N ASN B 15 37.34 -8.45 -5.83
CA ASN B 15 35.98 -8.45 -6.34
C ASN B 15 35.98 -8.82 -7.81
N LEU B 16 35.10 -9.75 -8.18
CA LEU B 16 35.00 -10.22 -9.54
C LEU B 16 33.57 -10.09 -10.03
N ASN B 17 33.45 -9.70 -11.30
CA ASN B 17 32.16 -9.58 -11.96
C ASN B 17 32.33 -9.84 -13.45
N PRO B 18 31.52 -10.78 -13.98
CA PRO B 18 30.62 -11.66 -13.24
C PRO B 18 31.33 -12.62 -12.29
N THR B 19 30.56 -13.31 -11.45
CA THR B 19 31.09 -14.37 -10.61
C THR B 19 31.46 -15.55 -11.50
N PRO B 20 32.73 -16.01 -11.43
CA PRO B 20 33.11 -17.18 -12.22
C PRO B 20 32.38 -18.42 -11.72
N GLU B 21 32.04 -19.31 -12.63
CA GLU B 21 31.37 -20.56 -12.26
C GLU B 21 32.17 -21.36 -11.23
N ASN B 22 33.42 -21.65 -11.56
CA ASN B 22 34.28 -22.41 -10.67
C ASN B 22 35.59 -21.68 -10.38
N LEU B 23 35.79 -21.30 -9.12
CA LEU B 23 37.07 -20.74 -8.69
C LEU B 23 37.53 -21.41 -7.41
N GLU B 24 38.79 -21.82 -7.37
CA GLU B 24 39.40 -22.26 -6.11
C GLU B 24 40.79 -21.65 -5.93
N VAL B 25 41.12 -21.32 -4.69
CA VAL B 25 42.47 -20.84 -4.36
C VAL B 25 43.39 -22.04 -4.17
N VAL B 26 44.44 -22.10 -4.99
CA VAL B 26 45.36 -23.25 -5.03
C VAL B 26 46.75 -22.94 -4.48
N GLY B 27 46.97 -21.68 -4.10
CA GLY B 27 48.25 -21.24 -3.57
C GLY B 27 48.12 -19.92 -2.83
N ASP B 28 49.24 -19.40 -2.35
CA ASP B 28 49.24 -18.17 -1.56
C ASP B 28 49.37 -16.90 -2.41
N GLY B 29 49.47 -17.08 -3.72
CA GLY B 29 49.56 -15.94 -4.64
C GLY B 29 50.99 -15.57 -4.93
N PHE B 30 51.20 -14.91 -6.07
CA PHE B 30 52.53 -14.39 -6.42
C PHE B 30 52.45 -13.00 -7.05
N LYS B 31 53.52 -12.24 -6.91
CA LYS B 31 53.62 -10.94 -7.57
C LYS B 31 54.14 -11.13 -9.00
N ILE B 32 53.47 -10.53 -9.97
CA ILE B 32 53.95 -10.57 -11.37
C ILE B 32 55.14 -9.62 -11.55
N THR B 33 56.08 -10.01 -12.39
CA THR B 33 57.29 -9.22 -12.64
C THR B 33 57.00 -7.95 -13.44
N SER B 34 57.97 -7.04 -13.50
CA SER B 34 57.84 -5.78 -14.22
C SER B 34 57.82 -5.98 -15.73
N SER B 35 58.38 -7.10 -16.17
CA SER B 35 58.40 -7.50 -17.56
C SER B 35 58.12 -9.00 -17.61
N ILE B 36 57.35 -9.43 -18.60
CA ILE B 36 56.88 -10.82 -18.64
C ILE B 36 57.22 -11.59 -19.92
N ASN B 37 57.08 -12.92 -19.85
CA ASN B 37 57.15 -13.78 -21.03
C ASN B 37 55.72 -13.97 -21.55
N LEU B 38 55.51 -13.72 -22.83
CA LEU B 38 54.21 -13.94 -23.45
C LEU B 38 54.29 -15.07 -24.48
N VAL B 39 53.43 -16.07 -24.33
CA VAL B 39 53.37 -17.21 -25.25
C VAL B 39 51.97 -17.36 -25.85
N GLY B 40 51.93 -17.64 -27.15
CA GLY B 40 50.68 -17.98 -27.85
C GLY B 40 50.00 -16.83 -28.57
N GLU B 41 50.52 -15.62 -28.41
CA GLU B 41 49.86 -14.39 -28.90
C GLU B 41 49.56 -14.39 -30.40
N GLU B 42 50.36 -15.12 -31.17
CA GLU B 42 50.18 -15.22 -32.62
C GLU B 42 49.03 -16.17 -33.02
N GLU B 43 48.74 -17.14 -32.16
CA GLU B 43 47.64 -18.09 -32.40
C GLU B 43 46.35 -17.70 -31.68
N ALA B 44 46.48 -17.02 -30.54
CA ALA B 44 45.34 -16.66 -29.70
C ALA B 44 44.44 -15.63 -30.38
N ASP B 45 43.18 -15.60 -29.96
CA ASP B 45 42.18 -14.63 -30.41
C ASP B 45 42.74 -13.21 -30.37
N GLU B 46 42.64 -12.53 -31.51
CA GLU B 46 43.18 -11.19 -31.72
C GLU B 46 42.60 -10.14 -30.76
N ASN B 47 41.28 -10.16 -30.56
CA ASN B 47 40.64 -9.18 -29.68
C ASN B 47 40.97 -9.42 -28.21
N ALA B 48 41.17 -10.69 -27.83
CA ALA B 48 41.67 -11.05 -26.50
C ALA B 48 43.10 -10.51 -26.25
N VAL B 49 43.98 -10.68 -27.24
CA VAL B 49 45.37 -10.26 -27.14
C VAL B 49 45.48 -8.73 -27.17
N ASN B 50 44.64 -8.09 -27.98
CA ASN B 50 44.61 -6.63 -28.04
C ASN B 50 44.20 -6.04 -26.70
N ALA B 51 43.25 -6.72 -26.06
CA ALA B 51 42.79 -6.38 -24.71
C ALA B 51 43.86 -6.62 -23.65
N LEU B 52 44.64 -7.70 -23.80
CA LEU B 52 45.75 -7.99 -22.89
C LEU B 52 46.83 -6.90 -22.96
N ARG B 53 47.28 -6.60 -24.18
CA ARG B 53 48.26 -5.55 -24.45
C ARG B 53 47.86 -4.18 -23.88
N GLU B 54 46.60 -3.77 -24.07
CA GLU B 54 46.16 -2.48 -23.55
C GLU B 54 46.20 -2.44 -22.02
N PHE B 55 45.89 -3.57 -21.38
CA PHE B 55 45.99 -3.71 -19.93
C PHE B 55 47.42 -3.65 -19.43
N LEU B 56 48.31 -4.32 -20.15
CA LEU B 56 49.73 -4.38 -19.79
C LEU B 56 50.39 -3.01 -19.89
N THR B 57 50.20 -2.34 -21.03
CA THR B 57 50.64 -0.96 -21.22
C THR B 57 50.14 -0.06 -20.09
N ALA B 58 48.84 -0.15 -19.77
CA ALA B 58 48.21 0.66 -18.74
C ALA B 58 48.69 0.37 -17.31
N ASN B 59 49.35 -0.77 -17.11
CA ASN B 59 49.79 -1.15 -15.76
C ASN B 59 51.30 -1.29 -15.59
N ASN B 60 52.03 -0.69 -16.53
CA ASN B 60 53.50 -0.61 -16.52
C ASN B 60 54.20 -1.96 -16.67
N ILE B 61 53.51 -2.91 -17.29
CA ILE B 61 54.04 -4.28 -17.43
C ILE B 61 54.54 -4.54 -18.84
N GLU B 62 55.86 -4.69 -18.97
CA GLU B 62 56.52 -4.84 -20.27
C GLU B 62 56.41 -6.24 -20.82
N ILE B 63 56.54 -6.38 -22.14
CA ILE B 63 56.62 -7.69 -22.78
C ILE B 63 58.04 -7.99 -23.26
N ASN B 64 58.57 -9.16 -22.89
CA ASN B 64 59.92 -9.54 -23.28
C ASN B 64 60.05 -9.68 -24.79
N SER B 65 61.25 -9.39 -25.28
CA SER B 65 61.61 -9.56 -26.68
C SER B 65 62.11 -10.98 -26.89
N GLU B 66 62.69 -11.53 -25.81
CA GLU B 66 63.13 -12.92 -25.77
C GLU B 66 62.84 -13.53 -24.39
N ASN B 67 62.57 -14.83 -24.39
CA ASN B 67 62.24 -15.62 -23.20
C ASN B 67 63.24 -15.46 -22.06
N ASP B 68 62.72 -15.35 -20.84
CA ASP B 68 63.54 -15.22 -19.63
C ASP B 68 62.90 -16.05 -18.51
N PRO B 69 63.62 -17.07 -18.00
CA PRO B 69 63.10 -17.85 -16.86
C PRO B 69 62.69 -17.00 -15.62
N ASN B 70 63.53 -15.90 -15.40
CA ASN B 70 63.25 -14.97 -14.30
C ASN B 70 61.92 -14.23 -14.35
N SER B 71 61.33 -14.12 -15.55
CA SER B 71 60.08 -13.38 -15.72
C SER B 71 58.84 -14.26 -15.52
N THR B 72 57.72 -13.61 -15.20
CA THR B 72 56.43 -14.29 -15.11
C THR B 72 56.03 -14.72 -16.53
N THR B 73 55.46 -15.94 -16.63
CA THR B 73 54.98 -16.45 -17.92
C THR B 73 53.46 -16.29 -18.01
N LEU B 74 53.00 -15.69 -19.11
CA LEU B 74 51.58 -15.68 -19.45
C LEU B 74 51.41 -16.43 -20.77
N ILE B 75 50.53 -17.43 -20.76
CA ILE B 75 50.25 -18.23 -21.95
C ILE B 75 48.77 -18.08 -22.29
N ILE B 76 48.49 -17.77 -23.56
CA ILE B 76 47.12 -17.49 -24.01
C ILE B 76 46.80 -18.21 -25.32
N GLY B 77 45.55 -18.65 -25.46
CA GLY B 77 45.11 -19.35 -26.66
C GLY B 77 43.81 -20.12 -26.50
N GLU B 78 43.32 -20.66 -27.61
CA GLU B 78 42.08 -21.44 -27.64
C GLU B 78 42.40 -22.92 -27.70
N VAL B 79 41.45 -23.77 -27.31
CA VAL B 79 41.60 -25.23 -27.40
C VAL B 79 41.92 -25.70 -28.84
N ASP B 80 41.36 -24.98 -29.82
CA ASP B 80 41.57 -25.23 -31.25
C ASP B 80 43.04 -25.09 -31.66
N ASP B 81 43.79 -24.28 -30.92
CA ASP B 81 45.21 -24.05 -31.20
C ASP B 81 46.07 -25.16 -30.59
N ASP B 82 47.29 -25.31 -31.11
CA ASP B 82 48.19 -26.34 -30.64
C ASP B 82 49.36 -25.69 -29.90
N ILE B 83 49.25 -25.58 -28.58
CA ILE B 83 50.27 -24.94 -27.76
C ILE B 83 50.72 -25.86 -26.61
N PRO B 84 51.99 -26.29 -26.63
CA PRO B 84 52.52 -27.12 -25.54
C PRO B 84 52.56 -26.40 -24.20
N GLU B 85 53.06 -25.15 -24.19
CA GLU B 85 53.15 -24.32 -22.97
C GLU B 85 51.83 -24.16 -22.25
N LEU B 86 50.73 -24.15 -23.00
CA LEU B 86 49.41 -23.97 -22.42
C LEU B 86 48.98 -25.22 -21.64
N ASP B 87 49.16 -26.39 -22.25
CA ASP B 87 48.74 -27.67 -21.66
C ASP B 87 49.36 -27.96 -20.29
N GLU B 88 50.72 -27.95 -20.23
CA GLU B 88 51.42 -28.18 -18.96
C GLU B 88 51.14 -27.11 -17.90
N ALA B 89 50.95 -25.86 -18.32
CA ALA B 89 50.67 -24.77 -17.40
C ALA B 89 49.30 -24.93 -16.75
N LEU B 90 48.34 -25.43 -17.53
CA LEU B 90 46.98 -25.68 -17.05
C LEU B 90 46.97 -26.89 -16.12
N ASN B 91 47.67 -27.95 -16.52
CA ASN B 91 47.84 -29.15 -15.70
C ASN B 91 46.51 -29.79 -15.32
N GLY B 92 45.83 -30.36 -16.32
CA GLY B 92 44.52 -30.98 -16.12
C GLY B 92 43.31 -30.06 -16.32
N THR B 93 43.42 -28.80 -15.90
CA THR B 93 42.33 -27.84 -16.08
C THR B 93 42.16 -27.52 -17.57
N THR B 94 40.94 -27.66 -18.08
CA THR B 94 40.68 -27.57 -19.51
C THR B 94 39.36 -26.84 -19.85
N ALA B 95 39.36 -26.13 -20.97
CA ALA B 95 38.14 -25.47 -21.45
C ALA B 95 37.38 -26.39 -22.42
N GLU B 96 38.01 -27.52 -22.77
CA GLU B 96 37.49 -28.48 -23.75
C GLU B 96 35.99 -28.78 -23.64
N ASN B 97 35.55 -29.18 -22.44
CA ASN B 97 34.16 -29.62 -22.23
C ASN B 97 33.18 -28.53 -21.74
N LEU B 98 33.49 -27.28 -22.06
CA LEU B 98 32.65 -26.15 -21.63
C LEU B 98 31.89 -25.55 -22.80
N LYS B 99 30.78 -24.86 -22.53
CA LYS B 99 29.97 -24.24 -23.59
C LYS B 99 30.72 -23.09 -24.28
N GLU B 100 30.16 -22.59 -25.37
CA GLU B 100 30.69 -21.42 -26.09
C GLU B 100 30.86 -20.25 -25.11
N GLU B 101 31.83 -19.39 -25.40
CA GLU B 101 32.23 -18.26 -24.53
C GLU B 101 32.89 -18.70 -23.20
N GLY B 102 33.06 -20.02 -23.03
CA GLY B 102 33.74 -20.56 -21.84
C GLY B 102 35.26 -20.50 -21.91
N TYR B 103 35.90 -20.43 -20.75
CA TYR B 103 37.36 -20.43 -20.67
C TYR B 103 37.86 -21.08 -19.39
N ALA B 104 39.13 -21.45 -19.40
CA ALA B 104 39.83 -21.89 -18.22
C ALA B 104 41.01 -20.97 -17.97
N LEU B 105 41.21 -20.59 -16.71
CA LEU B 105 42.33 -19.74 -16.33
C LEU B 105 43.00 -20.34 -15.12
N VAL B 106 44.34 -20.41 -15.16
CA VAL B 106 45.12 -20.97 -14.07
C VAL B 106 46.32 -20.07 -13.78
N SER B 107 46.38 -19.56 -12.54
CA SER B 107 47.55 -18.81 -12.10
C SER B 107 48.29 -19.55 -10.98
N ASN B 108 49.46 -20.10 -11.31
CA ASN B 108 50.22 -20.95 -10.38
C ASN B 108 51.72 -20.69 -10.46
N ASP B 109 52.35 -20.60 -9.29
CA ASP B 109 53.79 -20.26 -9.13
C ASP B 109 54.54 -19.69 -10.34
N GLY B 110 54.29 -18.41 -10.63
CA GLY B 110 55.01 -17.69 -11.67
C GLY B 110 54.43 -17.74 -13.08
N LYS B 111 53.32 -18.51 -13.24
CA LYS B 111 52.66 -18.57 -14.57
C LYS B 111 51.16 -18.38 -14.52
N ILE B 112 50.64 -17.74 -15.57
CA ILE B 112 49.22 -17.54 -15.75
C ILE B 112 48.86 -18.07 -17.14
N ALA B 113 47.96 -19.04 -17.17
CA ALA B 113 47.50 -19.64 -18.41
C ALA B 113 46.03 -19.29 -18.63
N ILE B 114 45.70 -18.87 -19.86
CA ILE B 114 44.32 -18.55 -20.25
C ILE B 114 43.92 -19.40 -21.47
N GLU B 115 42.95 -20.28 -21.28
CA GLU B 115 42.47 -21.11 -22.39
C GLU B 115 40.97 -20.93 -22.61
N GLY B 116 40.62 -20.24 -23.70
CA GLY B 116 39.23 -20.11 -24.09
C GLY B 116 38.76 -21.39 -24.75
N LYS B 117 37.46 -21.64 -24.67
CA LYS B 117 36.81 -22.68 -25.46
C LYS B 117 36.82 -22.21 -26.91
N ASP B 118 36.64 -20.90 -27.09
CA ASP B 118 36.68 -20.23 -28.39
C ASP B 118 37.22 -18.81 -28.22
N GLY B 119 37.29 -18.05 -29.32
CA GLY B 119 37.77 -16.67 -29.29
C GLY B 119 37.10 -15.80 -28.24
N ASP B 120 35.77 -15.88 -28.17
CA ASP B 120 34.98 -15.13 -27.20
C ASP B 120 35.43 -15.49 -25.77
N GLY B 121 35.69 -16.78 -25.55
CA GLY B 121 36.03 -17.28 -24.23
C GLY B 121 37.41 -16.87 -23.76
N THR B 122 38.34 -16.76 -24.71
CA THR B 122 39.72 -16.31 -24.44
C THR B 122 39.66 -14.87 -23.97
N PHE B 123 38.91 -14.06 -24.72
CA PHE B 123 38.68 -12.66 -24.39
C PHE B 123 38.14 -12.48 -22.98
N TYR B 124 37.18 -13.34 -22.59
CA TYR B 124 36.58 -13.27 -21.26
C TYR B 124 37.56 -13.73 -20.19
N GLY B 125 38.43 -14.67 -20.56
CA GLY B 125 39.56 -15.07 -19.72
C GLY B 125 40.43 -13.88 -19.35
N VAL B 126 40.78 -13.05 -20.35
CA VAL B 126 41.57 -11.83 -20.15
C VAL B 126 40.87 -10.87 -19.21
N GLN B 127 39.56 -10.74 -19.38
CA GLN B 127 38.73 -9.87 -18.56
C GLN B 127 38.77 -10.26 -17.09
N THR B 128 38.71 -11.55 -16.82
CA THR B 128 38.87 -12.07 -15.46
C THR B 128 40.30 -11.83 -14.97
N PHE B 129 41.29 -12.06 -15.84
CA PHE B 129 42.70 -11.80 -15.49
C PHE B 129 42.87 -10.35 -15.04
N LYS B 130 42.32 -9.43 -15.83
CA LYS B 130 42.42 -8.00 -15.55
C LYS B 130 41.86 -7.64 -14.18
N GLN B 131 40.73 -8.24 -13.80
CA GLN B 131 40.12 -7.99 -12.49
C GLN B 131 40.88 -8.68 -11.36
N LEU B 132 41.49 -9.82 -11.67
CA LEU B 132 42.29 -10.58 -10.68
C LEU B 132 43.58 -9.90 -10.21
N VAL B 133 44.21 -9.12 -11.08
CA VAL B 133 45.48 -8.45 -10.77
C VAL B 133 45.27 -7.20 -9.87
N LYS B 134 45.99 -7.16 -8.75
CA LYS B 134 45.97 -6.00 -7.86
C LYS B 134 47.40 -5.56 -7.52
N GLU B 135 47.83 -4.45 -8.12
CA GLU B 135 49.13 -3.86 -7.82
C GLU B 135 50.24 -4.87 -8.14
N SER B 136 50.08 -5.56 -9.26
CA SER B 136 50.95 -6.66 -9.71
C SER B 136 50.74 -7.98 -8.96
N ASN B 137 50.22 -7.92 -7.75
CA ASN B 137 49.89 -9.11 -6.98
C ASN B 137 48.66 -9.79 -7.57
N ILE B 138 48.75 -11.10 -7.75
CA ILE B 138 47.63 -11.89 -8.24
C ILE B 138 47.47 -13.10 -7.31
N PRO B 139 46.22 -13.49 -7.00
CA PRO B 139 46.07 -14.72 -6.22
C PRO B 139 46.32 -15.94 -7.11
N GLU B 140 46.64 -17.08 -6.49
CA GLU B 140 46.80 -18.33 -7.23
C GLU B 140 45.49 -19.12 -7.24
N VAL B 141 44.99 -19.39 -8.43
CA VAL B 141 43.61 -19.89 -8.62
C VAL B 141 43.49 -20.86 -9.77
N ASN B 142 42.44 -21.67 -9.71
CA ASN B 142 42.01 -22.47 -10.84
C ASN B 142 40.57 -22.12 -11.17
N ILE B 143 40.37 -21.61 -12.38
CA ILE B 143 39.03 -21.22 -12.82
C ILE B 143 38.58 -21.95 -14.07
N THR B 144 37.35 -22.43 -14.02
CA THR B 144 36.61 -22.78 -15.23
C THR B 144 35.31 -22.00 -15.19
N ASP B 145 34.94 -21.42 -16.32
CA ASP B 145 33.86 -20.45 -16.32
C ASP B 145 33.12 -20.45 -17.65
N TYR B 146 31.83 -20.13 -17.56
CA TYR B 146 30.92 -20.12 -18.72
C TYR B 146 29.62 -19.41 -18.36
N PRO B 147 28.97 -18.77 -19.35
CA PRO B 147 27.72 -18.05 -19.03
C PRO B 147 26.52 -19.00 -18.85
N THR B 148 25.63 -18.66 -17.93
CA THR B 148 24.35 -19.35 -17.81
C THR B 148 23.53 -19.09 -19.07
N VAL B 149 23.36 -17.80 -19.38
CA VAL B 149 22.53 -17.37 -20.49
C VAL B 149 23.38 -16.97 -21.71
N SER B 150 22.99 -17.46 -22.88
CA SER B 150 23.77 -17.32 -24.11
C SER B 150 23.90 -15.89 -24.65
N ALA B 151 22.83 -15.09 -24.54
CA ALA B 151 22.91 -13.70 -24.92
C ALA B 151 22.58 -12.81 -23.74
N ARG B 152 23.48 -11.88 -23.44
CA ARG B 152 23.39 -11.00 -22.26
C ARG B 152 23.78 -9.59 -22.65
N GLY B 153 22.91 -8.60 -22.43
CA GLY B 153 23.29 -7.25 -22.77
C GLY B 153 22.27 -6.16 -22.54
N ILE B 154 22.37 -5.12 -23.39
CA ILE B 154 21.56 -3.92 -23.27
C ILE B 154 20.74 -3.70 -24.52
N VAL B 155 19.50 -3.26 -24.30
CA VAL B 155 18.72 -2.66 -25.37
C VAL B 155 18.64 -1.16 -25.11
N GLU B 156 19.06 -0.37 -26.09
CA GLU B 156 19.08 1.09 -25.91
C GLU B 156 17.70 1.64 -26.27
N GLY B 157 16.72 1.37 -25.41
CA GLY B 157 15.32 1.59 -25.75
C GLY B 157 14.55 2.61 -24.94
N PHE B 158 15.25 3.46 -24.18
CA PHE B 158 14.63 4.48 -23.32
C PHE B 158 14.30 5.72 -24.12
N TYR B 159 13.22 6.38 -23.74
CA TYR B 159 12.96 7.72 -24.23
C TYR B 159 13.81 8.70 -23.45
N GLY B 160 13.79 9.97 -23.87
CA GLY B 160 14.48 11.05 -23.17
C GLY B 160 15.83 11.33 -23.81
N THR B 161 16.62 12.19 -23.20
CA THR B 161 17.92 12.59 -23.76
C THR B 161 18.73 11.36 -24.20
N PRO B 162 19.10 11.28 -25.51
CA PRO B 162 19.82 10.09 -25.96
C PRO B 162 21.26 10.05 -25.43
N TRP B 163 21.85 8.86 -25.41
CA TRP B 163 23.28 8.72 -25.13
C TRP B 163 24.03 9.40 -26.24
N THR B 164 25.19 10.00 -25.92
CA THR B 164 26.07 10.55 -26.93
C THR B 164 26.86 9.41 -27.57
N HIS B 165 27.51 9.72 -28.70
CA HIS B 165 28.42 8.77 -29.34
C HIS B 165 29.48 8.28 -28.36
N GLN B 166 30.07 9.20 -27.59
CA GLN B 166 31.04 8.81 -26.58
C GLN B 166 30.47 7.91 -25.46
N ASP B 167 29.22 8.14 -25.05
CA ASP B 167 28.54 7.30 -24.05
C ASP B 167 28.45 5.87 -24.57
N ARG B 168 28.00 5.74 -25.82
CA ARG B 168 27.84 4.44 -26.47
C ARG B 168 29.15 3.68 -26.59
N LEU B 169 30.21 4.39 -26.93
CA LEU B 169 31.54 3.78 -27.01
C LEU B 169 32.02 3.36 -25.62
N ASP B 170 31.74 4.17 -24.62
CA ASP B 170 32.11 3.84 -23.25
C ASP B 170 31.34 2.65 -22.75
N GLN B 171 30.04 2.62 -23.06
CA GLN B 171 29.14 1.51 -22.69
C GLN B 171 29.62 0.20 -23.34
N ILE B 172 29.94 0.25 -24.63
CA ILE B 172 30.40 -0.94 -25.35
C ILE B 172 31.64 -1.56 -24.67
N LYS B 173 32.60 -0.70 -24.30
CA LYS B 173 33.79 -1.11 -23.54
C LYS B 173 33.41 -1.77 -22.21
N PHE B 174 32.52 -1.12 -21.46
CA PHE B 174 32.04 -1.62 -20.16
C PHE B 174 31.36 -2.99 -20.25
N TYR B 175 30.60 -3.22 -21.32
CA TYR B 175 29.93 -4.53 -21.54
C TYR B 175 30.97 -5.61 -21.69
N GLY B 176 31.92 -5.36 -22.60
CA GLY B 176 33.05 -6.28 -22.82
C GLY B 176 33.74 -6.63 -21.52
N GLU B 177 34.02 -5.63 -20.68
CA GLU B 177 34.77 -5.83 -19.43
C GLU B 177 34.01 -6.68 -18.43
N ASN B 178 32.68 -6.67 -18.58
CA ASN B 178 31.79 -7.39 -17.67
C ASN B 178 31.10 -8.59 -18.33
N LYS B 179 31.59 -8.98 -19.51
CA LYS B 179 31.19 -10.20 -20.22
C LYS B 179 29.77 -10.14 -20.84
N LEU B 180 29.34 -8.95 -21.21
CA LEU B 180 28.02 -8.78 -21.82
C LEU B 180 28.26 -8.72 -23.32
N ASN B 181 27.55 -9.58 -24.07
CA ASN B 181 27.85 -9.83 -25.46
C ASN B 181 26.78 -9.34 -26.44
N THR B 182 25.86 -8.50 -25.96
CA THR B 182 24.72 -8.07 -26.76
C THR B 182 24.40 -6.59 -26.57
N TYR B 183 24.30 -5.87 -27.69
CA TYR B 183 23.92 -4.47 -27.67
C TYR B 183 22.89 -4.19 -28.74
N ILE B 184 21.65 -3.93 -28.32
CA ILE B 184 20.63 -3.59 -29.29
C ILE B 184 20.55 -2.09 -29.53
N TYR B 185 21.05 -1.73 -30.71
CA TYR B 185 21.10 -0.37 -31.18
C TYR B 185 19.76 -0.07 -31.88
N ALA B 186 18.92 0.65 -31.17
CA ALA B 186 17.64 1.11 -31.68
C ALA B 186 17.28 2.36 -30.88
N PRO B 187 18.09 3.43 -31.00
CA PRO B 187 17.77 4.62 -30.23
C PRO B 187 16.71 5.48 -30.93
N LYS B 188 15.96 6.23 -30.12
CA LYS B 188 14.93 7.16 -30.60
C LYS B 188 15.51 8.30 -31.44
N ASP B 189 16.80 8.59 -31.25
CA ASP B 189 17.40 9.74 -31.93
C ASP B 189 18.00 9.45 -33.29
N ASP B 190 17.97 8.19 -33.72
CA ASP B 190 18.51 7.84 -35.04
C ASP B 190 17.39 7.56 -36.04
N PRO B 191 17.13 8.52 -36.95
CA PRO B 191 15.99 8.36 -37.85
C PRO B 191 16.10 7.13 -38.73
N TYR B 192 17.33 6.68 -38.96
CA TYR B 192 17.59 5.57 -39.86
C TYR B 192 17.12 4.20 -39.34
N HIS B 193 16.74 4.14 -38.06
CA HIS B 193 16.18 2.90 -37.54
C HIS B 193 14.64 2.92 -37.52
N ARG B 194 14.04 4.11 -37.71
CA ARG B 194 12.58 4.27 -37.67
C ARG B 194 11.99 5.19 -38.75
N GLU B 195 12.07 6.50 -38.53
CA GLU B 195 11.42 7.45 -39.45
C GLU B 195 11.96 7.39 -40.90
N LYS B 196 13.22 7.00 -41.06
CA LYS B 196 13.79 6.82 -42.39
C LYS B 196 14.27 5.38 -42.58
N TRP B 197 13.53 4.44 -42.00
CA TRP B 197 13.92 3.02 -42.00
C TRP B 197 14.18 2.39 -43.37
N ARG B 198 13.51 2.86 -44.42
CA ARG B 198 13.75 2.30 -45.76
C ARG B 198 15.13 2.69 -46.29
N GLU B 199 15.68 3.78 -45.75
CA GLU B 199 16.88 4.41 -46.30
C GLU B 199 18.20 3.94 -45.69
N PRO B 200 19.08 3.34 -46.51
CA PRO B 200 20.46 3.03 -46.11
C PRO B 200 21.15 4.25 -45.51
N TYR B 201 22.13 4.02 -44.65
CA TYR B 201 22.88 5.12 -44.08
C TYR B 201 23.62 5.92 -45.15
N PRO B 202 23.48 7.27 -45.11
CA PRO B 202 24.23 8.18 -45.97
C PRO B 202 25.70 8.20 -45.59
N GLU B 203 26.55 8.73 -46.47
CA GLU B 203 27.98 8.77 -46.23
C GLU B 203 28.36 9.61 -45.00
N SER B 204 27.51 10.56 -44.64
CA SER B 204 27.71 11.40 -43.48
C SER B 204 27.66 10.62 -42.17
N GLU B 205 26.91 9.52 -42.17
CA GLU B 205 26.66 8.75 -40.94
C GLU B 205 27.49 7.46 -40.88
N MET B 206 28.30 7.24 -41.91
CA MET B 206 29.09 6.02 -42.07
C MET B 206 30.17 5.80 -41.01
N GLN B 207 30.99 6.82 -40.76
CA GLN B 207 32.08 6.74 -39.78
C GLN B 207 31.57 6.55 -38.35
N ARG B 208 30.52 7.31 -37.99
CA ARG B 208 29.90 7.21 -36.67
C ARG B 208 29.43 5.77 -36.44
N MET B 209 28.61 5.27 -37.36
CA MET B 209 28.13 3.88 -37.32
C MET B 209 29.27 2.87 -37.32
N GLN B 210 30.27 3.10 -38.17
CA GLN B 210 31.39 2.17 -38.26
C GLN B 210 32.16 2.07 -36.95
N GLU B 211 32.27 3.19 -36.24
CA GLU B 211 32.91 3.21 -34.91
C GLU B 211 32.16 2.35 -33.90
N LEU B 212 30.83 2.37 -33.95
CA LEU B 212 30.02 1.58 -33.02
C LEU B 212 30.13 0.10 -33.35
N ILE B 213 29.99 -0.23 -34.64
CA ILE B 213 30.16 -1.61 -35.11
C ILE B 213 31.54 -2.16 -34.77
N ASN B 214 32.59 -1.44 -35.13
CA ASN B 214 33.96 -1.87 -34.85
C ASN B 214 34.20 -2.10 -33.35
N ALA B 215 33.90 -1.10 -32.51
CA ALA B 215 34.06 -1.22 -31.07
C ALA B 215 33.35 -2.45 -30.51
N SER B 216 32.14 -2.72 -31.01
CA SER B 216 31.37 -3.89 -30.60
C SER B 216 32.10 -5.21 -30.91
N ALA B 217 32.52 -5.39 -32.17
CA ALA B 217 33.30 -6.54 -32.60
C ALA B 217 34.55 -6.71 -31.75
N GLU B 218 35.30 -5.63 -31.59
CA GLU B 218 36.52 -5.59 -30.78
C GLU B 218 36.33 -6.01 -29.33
N ASN B 219 35.10 -5.86 -28.83
CA ASN B 219 34.77 -6.21 -27.44
C ASN B 219 33.91 -7.46 -27.28
N LYS B 220 33.82 -8.26 -28.36
CA LYS B 220 33.02 -9.50 -28.39
C LYS B 220 31.52 -9.24 -28.12
N VAL B 221 31.04 -8.07 -28.54
CA VAL B 221 29.67 -7.63 -28.28
C VAL B 221 28.91 -7.66 -29.60
N ASP B 222 27.82 -8.42 -29.65
CA ASP B 222 26.95 -8.45 -30.83
C ASP B 222 26.18 -7.14 -30.99
N PHE B 223 26.52 -6.40 -32.04
CA PHE B 223 25.81 -5.19 -32.46
C PHE B 223 24.50 -5.55 -33.18
N VAL B 224 23.38 -5.44 -32.47
CA VAL B 224 22.09 -5.79 -33.05
C VAL B 224 21.44 -4.50 -33.56
N PHE B 225 21.19 -4.43 -34.87
CA PHE B 225 20.53 -3.29 -35.45
C PHE B 225 19.01 -3.45 -35.37
N GLY B 226 18.37 -2.56 -34.63
CA GLY B 226 16.92 -2.64 -34.43
C GLY B 226 16.19 -1.74 -35.39
N ILE B 227 15.33 -2.34 -36.20
CA ILE B 227 14.48 -1.57 -37.13
C ILE B 227 13.00 -1.61 -36.68
N SER B 228 12.36 -0.45 -36.74
CA SER B 228 10.94 -0.32 -36.40
C SER B 228 10.17 0.28 -37.56
N PRO B 229 9.74 -0.58 -38.54
CA PRO B 229 9.09 -0.08 -39.74
C PRO B 229 7.61 0.27 -39.54
N GLY B 230 7.09 0.02 -38.34
CA GLY B 230 5.67 0.12 -38.05
C GLY B 230 5.04 1.48 -38.24
N ILE B 231 5.87 2.52 -38.09
CA ILE B 231 5.48 3.90 -38.35
C ILE B 231 4.67 4.06 -39.67
N ASP B 232 5.11 3.42 -40.76
CA ASP B 232 4.50 3.68 -42.08
C ASP B 232 4.55 2.52 -43.07
N ILE B 233 5.00 1.35 -42.64
CA ILE B 233 5.09 0.17 -43.55
C ILE B 233 3.74 -0.23 -44.19
N ARG B 234 3.77 -0.55 -45.47
CA ARG B 234 2.63 -1.11 -46.20
C ARG B 234 2.78 -2.63 -46.32
N PHE B 235 1.66 -3.36 -46.46
CA PHE B 235 1.69 -4.83 -46.49
C PHE B 235 1.13 -5.43 -47.78
N ASP B 236 0.13 -4.76 -48.35
CA ASP B 236 -0.65 -5.30 -49.46
C ASP B 236 -0.28 -4.70 -50.80
N GLY B 237 -0.46 -5.49 -51.84
CA GLY B 237 -0.25 -5.04 -53.21
C GLY B 237 1.18 -4.62 -53.49
N ASP B 238 1.33 -3.76 -54.51
CA ASP B 238 2.63 -3.24 -54.93
C ASP B 238 3.32 -2.38 -53.88
N ALA B 239 2.56 -1.58 -53.15
CA ALA B 239 3.10 -0.77 -52.04
C ALA B 239 3.70 -1.65 -50.96
N GLY B 240 3.09 -2.81 -50.72
CA GLY B 240 3.58 -3.77 -49.73
C GLY B 240 4.80 -4.50 -50.23
N GLU B 241 4.83 -4.78 -51.54
CA GLU B 241 5.97 -5.45 -52.16
C GLU B 241 7.20 -4.54 -52.19
N GLU B 242 7.00 -3.29 -52.59
CA GLU B 242 8.04 -2.25 -52.55
C GLU B 242 8.61 -2.14 -51.15
N ASP B 243 7.73 -2.14 -50.15
CA ASP B 243 8.15 -1.98 -48.76
C ASP B 243 8.98 -3.14 -48.24
N PHE B 244 8.61 -4.37 -48.58
CA PHE B 244 9.43 -5.53 -48.19
C PHE B 244 10.81 -5.47 -48.86
N ASN B 245 10.83 -5.03 -50.10
CA ASN B 245 12.06 -4.87 -50.84
C ASN B 245 12.96 -3.80 -50.24
N HIS B 246 12.35 -2.71 -49.79
CA HIS B 246 13.07 -1.66 -49.03
C HIS B 246 13.74 -2.20 -47.77
N LEU B 247 13.05 -3.10 -47.07
CA LEU B 247 13.54 -3.73 -45.84
C LEU B 247 14.80 -4.55 -46.15
N ILE B 248 14.74 -5.28 -47.25
CA ILE B 248 15.87 -6.08 -47.73
C ILE B 248 17.09 -5.22 -48.08
N THR B 249 16.88 -4.16 -48.88
CA THR B 249 17.99 -3.33 -49.33
C THR B 249 18.56 -2.45 -48.20
N LYS B 250 17.78 -2.26 -47.14
CA LYS B 250 18.28 -1.60 -45.94
C LYS B 250 19.20 -2.54 -45.15
N ALA B 251 18.75 -3.79 -44.98
CA ALA B 251 19.50 -4.81 -44.25
C ALA B 251 20.81 -5.18 -44.95
N GLU B 252 20.80 -5.21 -46.28
CA GLU B 252 22.02 -5.42 -47.07
C GLU B 252 22.97 -4.23 -46.91
N SER B 253 22.44 -3.01 -46.91
CA SER B 253 23.22 -1.81 -46.58
C SER B 253 23.97 -2.00 -45.28
N LEU B 254 23.24 -2.43 -44.25
CA LEU B 254 23.82 -2.66 -42.93
C LEU B 254 24.76 -3.86 -42.93
N TYR B 255 24.41 -4.87 -43.71
CA TYR B 255 25.25 -6.05 -43.84
C TYR B 255 26.63 -5.62 -44.35
N ASP B 256 26.64 -4.96 -45.51
CA ASP B 256 27.83 -4.36 -46.11
C ASP B 256 28.65 -3.47 -45.17
N MET B 257 27.99 -2.95 -44.13
CA MET B 257 28.64 -2.17 -43.08
C MET B 257 29.34 -3.04 -42.05
N GLY B 258 29.06 -4.35 -42.08
CA GLY B 258 29.55 -5.29 -41.07
C GLY B 258 28.50 -5.82 -40.09
N VAL B 259 27.26 -5.32 -40.17
CA VAL B 259 26.18 -5.73 -39.24
C VAL B 259 25.75 -7.19 -39.46
N ARG B 260 25.72 -7.97 -38.38
CA ARG B 260 25.37 -9.40 -38.41
C ARG B 260 24.13 -9.77 -37.58
N SER B 261 23.69 -8.88 -36.71
CA SER B 261 22.44 -9.12 -35.96
C SER B 261 21.39 -8.06 -36.25
N PHE B 262 20.15 -8.52 -36.42
CA PHE B 262 19.02 -7.65 -36.76
C PHE B 262 17.80 -7.91 -35.87
N ALA B 263 17.09 -6.84 -35.53
CA ALA B 263 15.80 -6.94 -34.83
C ALA B 263 14.73 -6.20 -35.61
N ILE B 264 13.54 -6.78 -35.70
CA ILE B 264 12.38 -6.06 -36.25
C ILE B 264 11.27 -5.93 -35.21
N TYR B 265 11.04 -4.69 -34.78
CA TYR B 265 10.04 -4.34 -33.78
C TYR B 265 8.68 -4.16 -34.41
N TRP B 266 7.65 -4.68 -33.75
CA TRP B 266 6.27 -4.41 -34.16
C TRP B 266 5.49 -3.72 -33.03
N ASP B 267 6.23 -3.22 -32.05
CA ASP B 267 5.67 -2.64 -30.85
C ASP B 267 4.76 -1.44 -31.11
N ASP B 268 5.04 -0.69 -32.19
CA ASP B 268 4.39 0.59 -32.42
C ASP B 268 3.50 0.71 -33.66
N ILE B 269 2.96 -0.40 -34.17
CA ILE B 269 2.15 -0.36 -35.40
C ILE B 269 0.67 -0.13 -35.06
N GLN B 270 -0.04 0.55 -35.96
CA GLN B 270 -1.52 0.64 -35.90
C GLN B 270 -2.23 -0.56 -36.57
N ASP B 271 -1.72 -1.02 -37.72
CA ASP B 271 -2.22 -2.26 -38.36
C ASP B 271 -1.76 -3.45 -37.52
N LYS B 272 -2.57 -3.80 -36.51
CA LYS B 272 -2.24 -4.89 -35.59
C LYS B 272 -2.63 -6.27 -36.18
N SER B 273 -1.97 -6.60 -37.30
CA SER B 273 -2.18 -7.85 -37.99
C SER B 273 -1.02 -8.80 -37.71
N ALA B 274 -1.23 -9.71 -36.77
CA ALA B 274 -0.24 -10.73 -36.45
C ALA B 274 0.22 -11.53 -37.66
N ALA B 275 -0.70 -11.90 -38.55
CA ALA B 275 -0.34 -12.67 -39.73
C ALA B 275 0.57 -11.86 -40.66
N LYS B 276 0.25 -10.60 -40.87
CA LYS B 276 1.09 -9.72 -41.69
C LYS B 276 2.47 -9.48 -41.07
N HIS B 277 2.54 -9.30 -39.75
CA HIS B 277 3.82 -9.13 -39.09
C HIS B 277 4.72 -10.36 -39.20
N ALA B 278 4.20 -11.53 -38.81
CA ALA B 278 5.01 -12.75 -38.86
C ALA B 278 5.40 -13.11 -40.29
N GLN B 279 4.46 -12.89 -41.22
CA GLN B 279 4.67 -13.05 -42.66
C GLN B 279 5.87 -12.23 -43.18
N VAL B 280 5.96 -10.95 -42.78
CA VAL B 280 7.11 -10.12 -43.15
C VAL B 280 8.40 -10.68 -42.54
N LEU B 281 8.32 -11.09 -41.28
CA LEU B 281 9.44 -11.66 -40.53
C LEU B 281 9.96 -12.92 -41.19
N ASN B 282 9.04 -13.83 -41.49
CA ASN B 282 9.38 -15.13 -42.08
C ASN B 282 10.00 -14.95 -43.44
N ARG B 283 9.44 -14.05 -44.25
CA ARG B 283 10.01 -13.77 -45.58
C ARG B 283 11.42 -13.14 -45.47
N PHE B 284 11.65 -12.31 -44.45
CA PHE B 284 12.95 -11.71 -44.19
C PHE B 284 14.01 -12.73 -43.75
N ASN B 285 13.64 -13.59 -42.80
CA ASN B 285 14.47 -14.68 -42.33
C ASN B 285 14.90 -15.61 -43.48
N GLU B 286 13.99 -15.83 -44.43
CA GLU B 286 14.29 -16.69 -45.57
C GLU B 286 15.19 -15.98 -46.59
N GLU B 287 14.68 -14.88 -47.14
CA GLU B 287 15.35 -14.15 -48.23
C GLU B 287 16.64 -13.43 -47.84
N PHE B 288 16.84 -13.20 -46.55
CA PHE B 288 18.01 -12.47 -46.05
C PHE B 288 18.83 -13.21 -45.00
N VAL B 289 18.22 -13.53 -43.86
CA VAL B 289 18.98 -14.13 -42.74
C VAL B 289 19.60 -15.47 -43.14
N LYS B 290 18.76 -16.39 -43.63
CA LYS B 290 19.23 -17.71 -44.06
C LYS B 290 20.11 -17.70 -45.32
N ALA B 291 19.87 -16.72 -46.19
CA ALA B 291 20.62 -16.60 -47.45
C ALA B 291 22.00 -15.96 -47.29
N LYS B 292 22.25 -15.35 -46.13
CA LYS B 292 23.56 -14.77 -45.81
C LYS B 292 24.53 -15.77 -45.17
N GLY B 293 24.01 -16.64 -44.31
CA GLY B 293 24.80 -17.72 -43.71
C GLY B 293 25.47 -17.43 -42.39
N ASP B 294 25.81 -16.16 -42.16
CA ASP B 294 26.50 -15.75 -40.92
C ASP B 294 25.79 -14.62 -40.18
N VAL B 295 24.56 -14.31 -40.61
CA VAL B 295 23.67 -13.41 -39.87
C VAL B 295 23.05 -14.17 -38.69
N LYS B 296 23.21 -13.64 -37.49
CA LYS B 296 22.69 -14.28 -36.29
C LYS B 296 21.15 -14.36 -36.33
N PRO B 297 20.53 -15.23 -35.48
CA PRO B 297 19.08 -15.41 -35.54
C PRO B 297 18.31 -14.08 -35.48
N LEU B 298 17.23 -13.99 -36.25
CA LEU B 298 16.40 -12.79 -36.31
C LEU B 298 15.69 -12.60 -35.00
N ILE B 299 15.67 -11.37 -34.53
CA ILE B 299 15.03 -10.99 -33.26
C ILE B 299 13.78 -10.17 -33.54
N THR B 300 12.75 -10.35 -32.71
CA THR B 300 11.50 -9.60 -32.86
C THR B 300 10.80 -9.19 -31.55
N VAL B 301 10.13 -8.04 -31.59
CA VAL B 301 9.22 -7.62 -30.53
C VAL B 301 7.83 -7.61 -31.17
N PRO B 302 6.91 -8.48 -30.68
CA PRO B 302 5.55 -8.48 -31.24
C PRO B 302 4.81 -7.27 -30.70
N THR B 303 3.67 -6.94 -31.29
CA THR B 303 2.88 -5.81 -30.80
C THR B 303 2.42 -6.04 -29.35
N GLU B 304 2.06 -7.29 -29.04
CA GLU B 304 1.79 -7.72 -27.66
C GLU B 304 3.09 -8.29 -27.09
N TYR B 305 3.69 -7.61 -26.12
CA TYR B 305 5.03 -7.98 -25.64
C TYR B 305 5.22 -8.06 -24.11
N ASP B 306 4.12 -7.94 -23.36
CA ASP B 306 4.14 -8.18 -21.93
C ASP B 306 3.00 -9.15 -21.64
N THR B 307 3.12 -9.95 -20.59
CA THR B 307 2.09 -10.99 -20.36
C THR B 307 0.66 -10.45 -20.32
N GLY B 308 0.46 -9.28 -19.71
CA GLY B 308 -0.89 -8.74 -19.63
C GLY B 308 -1.50 -8.46 -21.00
N ALA B 309 -0.66 -8.11 -21.97
CA ALA B 309 -1.09 -7.81 -23.32
C ALA B 309 -1.20 -9.04 -24.19
N MET B 310 -0.52 -10.12 -23.78
CA MET B 310 -0.36 -11.32 -24.59
C MET B 310 -1.33 -12.41 -24.23
N VAL B 311 -1.75 -12.40 -22.98
CA VAL B 311 -2.46 -13.55 -22.41
C VAL B 311 -3.77 -13.14 -21.75
N SER B 312 -4.80 -13.96 -21.92
CA SER B 312 -6.03 -13.83 -21.14
C SER B 312 -6.48 -15.20 -20.57
N ASN B 313 -6.69 -15.23 -19.26
CA ASN B 313 -6.99 -16.44 -18.49
C ASN B 313 -6.15 -17.68 -18.87
N GLY B 314 -4.83 -17.50 -18.85
CA GLY B 314 -3.90 -18.59 -19.19
C GLY B 314 -3.78 -18.98 -20.66
N GLN B 315 -4.45 -18.27 -21.56
CA GLN B 315 -4.33 -18.55 -23.01
C GLN B 315 -3.85 -17.33 -23.81
N PRO B 316 -3.25 -17.55 -25.00
CA PRO B 316 -2.84 -16.38 -25.78
C PRO B 316 -4.04 -15.57 -26.30
N ARG B 317 -3.89 -14.25 -26.30
CA ARG B 317 -4.85 -13.39 -26.98
C ARG B 317 -4.80 -13.64 -28.50
N ALA B 318 -5.78 -13.12 -29.23
CA ALA B 318 -5.91 -13.37 -30.67
C ALA B 318 -4.67 -13.00 -31.47
N TYR B 319 -4.09 -11.80 -31.22
CA TYR B 319 -2.82 -11.42 -31.87
C TYR B 319 -1.65 -12.39 -31.63
N THR B 320 -1.38 -12.58 -30.33
CA THR B 320 -0.32 -13.48 -29.85
C THR B 320 -0.49 -14.90 -30.33
N ARG B 321 -1.74 -15.33 -30.46
CA ARG B 321 -2.03 -16.68 -30.91
C ARG B 321 -1.62 -16.88 -32.37
N ILE B 322 -2.02 -15.94 -33.23
CA ILE B 322 -1.70 -16.01 -34.65
C ILE B 322 -0.20 -15.79 -34.83
N PHE B 323 0.38 -14.86 -34.04
CA PHE B 323 1.82 -14.58 -34.12
C PHE B 323 2.68 -15.81 -33.79
N ALA B 324 2.45 -16.42 -32.62
CA ALA B 324 3.18 -17.63 -32.21
C ALA B 324 3.05 -18.83 -33.16
N GLU B 325 1.88 -19.01 -33.77
CA GLU B 325 1.69 -20.12 -34.66
C GLU B 325 2.35 -19.85 -36.01
N THR B 326 2.56 -18.57 -36.33
CA THR B 326 3.09 -18.22 -37.64
C THR B 326 4.62 -18.06 -37.65
N VAL B 327 5.15 -17.27 -36.72
CA VAL B 327 6.58 -16.93 -36.72
C VAL B 327 7.51 -18.17 -36.69
N ASP B 328 8.53 -18.19 -37.56
CA ASP B 328 9.43 -19.36 -37.66
C ASP B 328 10.09 -19.67 -36.32
N PRO B 329 10.25 -20.96 -35.97
CA PRO B 329 10.94 -21.37 -34.72
C PRO B 329 12.38 -20.86 -34.46
N SER B 330 13.10 -20.44 -35.50
CA SER B 330 14.45 -19.87 -35.35
C SER B 330 14.47 -18.39 -34.93
N ILE B 331 13.30 -17.76 -34.89
CA ILE B 331 13.22 -16.34 -34.58
C ILE B 331 13.14 -16.11 -33.06
N GLU B 332 13.96 -15.18 -32.58
CA GLU B 332 13.95 -14.76 -31.17
C GLU B 332 12.79 -13.83 -30.91
N VAL B 333 12.00 -14.15 -29.90
CA VAL B 333 10.84 -13.34 -29.50
C VAL B 333 11.03 -12.71 -28.12
N MET B 334 10.93 -11.38 -28.09
CA MET B 334 11.13 -10.63 -26.86
C MET B 334 9.82 -10.42 -26.12
N TRP B 335 9.86 -10.61 -24.82
CA TRP B 335 8.81 -10.09 -23.93
C TRP B 335 9.44 -9.51 -22.67
N THR B 336 8.69 -8.63 -22.01
CA THR B 336 9.17 -7.88 -20.87
C THR B 336 8.81 -8.47 -19.50
N GLY B 337 8.14 -9.62 -19.47
CA GLY B 337 7.62 -10.15 -18.21
C GLY B 337 6.13 -9.90 -18.07
N PRO B 338 5.59 -10.18 -16.87
CA PRO B 338 4.15 -10.02 -16.57
C PRO B 338 3.54 -8.67 -16.93
N GLY B 339 4.34 -7.61 -16.94
CA GLY B 339 3.89 -6.29 -17.34
C GLY B 339 5.03 -5.55 -18.05
N VAL B 340 4.76 -4.36 -18.56
CA VAL B 340 5.81 -3.56 -19.21
C VAL B 340 6.94 -3.21 -18.20
N VAL B 341 6.53 -2.70 -17.04
CA VAL B 341 7.40 -2.45 -15.87
C VAL B 341 6.72 -3.10 -14.69
N THR B 342 7.35 -4.14 -14.15
CA THR B 342 6.67 -5.03 -13.22
C THR B 342 7.68 -5.51 -12.18
N ASN B 343 7.22 -5.89 -11.00
CA ASN B 343 8.05 -6.40 -9.92
C ASN B 343 8.95 -7.59 -10.24
N GLU B 344 8.40 -8.57 -10.94
CA GLU B 344 9.04 -9.86 -11.08
C GLU B 344 8.84 -10.52 -12.44
N ILE B 345 9.70 -11.48 -12.75
CA ILE B 345 9.38 -12.54 -13.69
C ILE B 345 9.57 -13.83 -12.91
N PRO B 346 8.50 -14.34 -12.31
CA PRO B 346 8.56 -15.66 -11.67
C PRO B 346 8.69 -16.76 -12.73
N LEU B 347 9.09 -17.95 -12.32
CA LEU B 347 9.35 -19.03 -13.25
C LEU B 347 8.11 -19.31 -14.07
N SER B 348 6.96 -19.28 -13.39
CA SER B 348 5.66 -19.54 -14.02
C SER B 348 5.34 -18.59 -15.18
N ASP B 349 5.70 -17.31 -15.09
CA ASP B 349 5.46 -16.42 -16.23
C ASP B 349 6.29 -16.83 -17.46
N ALA B 350 7.56 -17.14 -17.26
CA ALA B 350 8.43 -17.54 -18.36
C ALA B 350 8.00 -18.86 -18.99
N GLN B 351 7.54 -19.79 -18.15
CA GLN B 351 6.98 -21.07 -18.59
C GLN B 351 5.69 -20.90 -19.40
N LEU B 352 4.80 -20.05 -18.90
CA LEU B 352 3.58 -19.74 -19.62
C LEU B 352 3.93 -19.22 -21.03
N ILE B 353 4.85 -18.25 -21.10
CA ILE B 353 5.12 -17.56 -22.36
C ILE B 353 5.94 -18.43 -23.31
N SER B 354 6.96 -19.09 -22.78
CA SER B 354 7.77 -20.06 -23.54
C SER B 354 6.92 -21.22 -24.10
N GLY B 355 5.92 -21.67 -23.35
CA GLY B 355 4.98 -22.71 -23.83
C GLY B 355 4.09 -22.18 -24.96
N ILE B 356 3.64 -20.93 -24.85
CA ILE B 356 2.87 -20.33 -25.94
C ILE B 356 3.67 -20.25 -27.24
N TYR B 357 4.91 -19.77 -27.15
CA TYR B 357 5.79 -19.67 -28.32
C TYR B 357 6.59 -20.92 -28.67
N ASN B 358 6.37 -22.02 -27.92
CA ASN B 358 7.15 -23.27 -28.08
C ASN B 358 8.66 -23.08 -28.31
N ARG B 359 9.25 -22.08 -27.66
CA ARG B 359 10.71 -21.87 -27.70
C ARG B 359 11.22 -21.09 -26.51
N ASN B 360 12.55 -21.09 -26.37
CA ASN B 360 13.22 -20.22 -25.42
C ASN B 360 12.98 -18.79 -25.78
N MET B 361 12.69 -17.99 -24.76
CA MET B 361 12.26 -16.65 -24.98
C MET B 361 13.42 -15.69 -24.80
N ALA B 362 13.23 -14.46 -25.28
CA ALA B 362 14.16 -13.36 -25.01
C ALA B 362 13.51 -12.37 -24.05
N VAL B 363 14.30 -11.87 -23.10
CA VAL B 363 13.82 -10.87 -22.15
C VAL B 363 14.28 -9.48 -22.51
N TRP B 364 13.33 -8.55 -22.53
CA TRP B 364 13.55 -7.12 -22.52
C TRP B 364 13.07 -6.63 -21.14
N TRP B 365 14.01 -6.34 -20.26
CA TRP B 365 13.69 -6.03 -18.88
C TRP B 365 13.74 -4.51 -18.64
N ASN B 366 12.60 -3.93 -18.32
CA ASN B 366 12.50 -2.46 -18.19
C ASN B 366 12.91 -1.91 -16.83
N TYR B 367 14.17 -2.20 -16.49
CA TYR B 367 14.86 -1.63 -15.32
C TYR B 367 16.35 -1.75 -15.65
N PRO B 368 17.15 -0.67 -15.43
CA PRO B 368 16.86 0.56 -14.66
C PRO B 368 16.19 1.74 -15.37
N VAL B 369 15.71 1.54 -16.60
CA VAL B 369 15.05 2.64 -17.33
C VAL B 369 14.14 3.49 -16.44
N THR B 370 14.28 4.82 -16.54
CA THR B 370 13.44 5.71 -15.74
C THR B 370 12.63 6.70 -16.58
N ASP B 371 12.47 6.43 -17.88
CA ASP B 371 11.93 7.43 -18.81
C ASP B 371 10.50 7.86 -18.47
N TYR B 372 9.81 7.00 -17.75
CA TYR B 372 8.41 7.21 -17.36
C TYR B 372 8.29 7.86 -15.97
N PHE B 373 9.42 8.03 -15.28
CA PHE B 373 9.44 8.65 -13.95
C PHE B 373 10.85 9.23 -13.73
N LYS B 374 11.16 10.31 -14.46
CA LYS B 374 12.56 10.74 -14.63
C LYS B 374 13.21 11.39 -13.42
N GLY B 375 12.39 11.85 -12.46
CA GLY B 375 12.90 12.47 -11.24
C GLY B 375 13.70 11.49 -10.37
N LYS B 376 13.39 10.21 -10.50
CA LYS B 376 14.06 9.18 -9.72
C LYS B 376 15.06 8.41 -10.54
N LEU B 377 16.21 8.17 -9.92
CA LEU B 377 17.29 7.33 -10.48
C LEU B 377 17.11 5.92 -10.01
N ALA B 378 17.24 4.98 -10.93
CA ALA B 378 17.12 3.55 -10.63
C ALA B 378 18.49 2.94 -10.40
N LEU B 379 18.86 2.79 -9.12
CA LEU B 379 20.25 2.53 -8.72
C LEU B 379 20.42 1.17 -8.04
N GLY B 380 19.42 0.32 -8.22
CA GLY B 380 19.39 -0.96 -7.56
C GLY B 380 19.77 -2.10 -8.47
N PRO B 381 19.87 -3.31 -7.90
CA PRO B 381 20.26 -4.50 -8.62
C PRO B 381 19.11 -5.11 -9.42
N MET B 382 19.40 -6.00 -10.36
CA MET B 382 18.35 -6.90 -10.90
C MET B 382 17.64 -7.52 -9.71
N HIS B 383 16.32 -7.42 -9.67
CA HIS B 383 15.56 -7.84 -8.49
C HIS B 383 14.23 -8.36 -8.98
N GLY B 384 13.81 -9.51 -8.47
CA GLY B 384 12.54 -10.08 -8.88
C GLY B 384 12.64 -11.06 -10.04
N LEU B 385 13.83 -11.21 -10.60
CA LEU B 385 14.02 -12.14 -11.71
C LEU B 385 14.36 -13.51 -11.16
N ASP B 386 13.47 -14.45 -11.43
CA ASP B 386 13.62 -15.81 -10.96
C ASP B 386 15.00 -16.35 -11.33
N LYS B 387 15.66 -16.99 -10.37
CA LYS B 387 16.99 -17.54 -10.59
C LYS B 387 17.01 -18.82 -11.44
N GLY B 388 15.83 -19.30 -11.84
CA GLY B 388 15.73 -20.48 -12.71
C GLY B 388 15.25 -20.11 -14.11
N LEU B 389 15.28 -18.82 -14.44
CA LEU B 389 14.73 -18.31 -15.71
C LEU B 389 15.39 -18.89 -16.95
N ASN B 390 16.66 -19.23 -16.84
CA ASN B 390 17.41 -19.83 -17.96
C ASN B 390 16.76 -21.09 -18.52
N GLN B 391 15.86 -21.71 -17.75
CA GLN B 391 15.11 -22.88 -18.22
C GLN B 391 14.22 -22.49 -19.42
N TYR B 392 13.75 -21.24 -19.44
CA TYR B 392 12.81 -20.81 -20.49
C TYR B 392 13.32 -19.64 -21.32
N VAL B 393 14.45 -19.07 -20.91
CA VAL B 393 14.99 -17.85 -21.49
C VAL B 393 16.43 -18.12 -21.94
N ASP B 394 16.76 -17.78 -23.19
CA ASP B 394 18.12 -17.91 -23.71
C ASP B 394 18.79 -16.59 -24.10
N PHE B 395 18.19 -15.48 -23.71
CA PHE B 395 18.51 -14.18 -24.26
C PHE B 395 17.98 -13.13 -23.28
N PHE B 396 18.88 -12.40 -22.64
CA PHE B 396 18.49 -11.50 -21.57
C PHE B 396 19.06 -10.08 -21.75
N THR B 397 18.17 -9.08 -21.86
CA THR B 397 18.63 -7.69 -21.99
C THR B 397 17.95 -6.77 -21.00
N VAL B 398 18.60 -5.65 -20.68
CA VAL B 398 18.01 -4.59 -19.86
C VAL B 398 17.91 -3.28 -20.60
N ASN B 399 16.82 -2.58 -20.33
CA ASN B 399 16.62 -1.24 -20.78
C ASN B 399 17.13 -0.29 -19.67
N PRO B 400 18.25 0.41 -19.92
CA PRO B 400 18.91 1.29 -18.95
C PRO B 400 18.34 2.72 -18.95
N MET B 401 18.96 3.63 -18.17
CA MET B 401 18.47 5.00 -18.08
C MET B 401 19.15 5.83 -19.13
N GLU B 402 18.59 7.02 -19.39
CA GLU B 402 19.28 8.05 -20.18
C GLU B 402 20.57 8.43 -19.46
N HIS B 403 20.64 8.15 -18.15
CA HIS B 403 21.82 8.44 -17.37
C HIS B 403 22.79 7.29 -17.57
N ALA B 404 23.73 7.46 -18.50
CA ALA B 404 24.60 6.35 -18.89
C ALA B 404 25.57 5.91 -17.77
N GLU B 405 26.15 6.88 -17.08
CA GLU B 405 27.14 6.55 -16.03
C GLU B 405 26.50 5.76 -14.88
N LEU B 406 25.40 6.27 -14.35
CA LEU B 406 24.74 5.66 -13.18
C LEU B 406 24.00 4.37 -13.52
N SER B 407 23.72 4.16 -14.81
CA SER B 407 23.13 2.88 -15.26
C SER B 407 24.04 1.71 -15.01
N LYS B 408 25.33 1.99 -14.87
CA LYS B 408 26.34 0.95 -14.74
C LYS B 408 26.14 0.17 -13.47
N ILE B 409 25.55 0.78 -12.43
CA ILE B 409 25.38 0.04 -11.16
C ILE B 409 24.50 -1.17 -11.42
N SER B 410 23.31 -0.90 -11.94
CA SER B 410 22.36 -1.93 -12.26
C SER B 410 22.81 -2.89 -13.39
N ILE B 411 23.34 -2.34 -14.47
CA ILE B 411 23.91 -3.14 -15.57
C ILE B 411 24.97 -4.08 -15.03
N HIS B 412 25.76 -3.62 -14.07
CA HIS B 412 26.77 -4.47 -13.43
C HIS B 412 26.15 -5.74 -12.82
N THR B 413 25.01 -5.59 -12.17
CA THR B 413 24.40 -6.71 -11.48
C THR B 413 23.70 -7.66 -12.48
N ALA B 414 23.20 -7.09 -13.56
CA ALA B 414 22.65 -7.82 -14.69
C ALA B 414 23.68 -8.75 -15.33
N ALA B 415 24.93 -8.31 -15.36
CA ALA B 415 26.05 -9.11 -15.90
C ALA B 415 26.30 -10.37 -15.09
N ASP B 416 26.24 -10.20 -13.76
CA ASP B 416 26.38 -11.28 -12.81
C ASP B 416 25.18 -12.25 -12.86
N TYR B 417 23.97 -11.68 -12.84
CA TYR B 417 22.74 -12.44 -12.94
C TYR B 417 22.69 -13.35 -14.20
N SER B 418 23.02 -12.81 -15.37
CA SER B 418 22.85 -13.53 -16.63
C SER B 418 23.97 -14.51 -16.90
N TRP B 419 25.15 -14.22 -16.36
CA TRP B 419 26.32 -15.07 -16.52
C TRP B 419 26.34 -16.18 -15.48
N ASN B 420 26.10 -15.82 -14.22
CA ASN B 420 26.09 -16.81 -13.15
C ASN B 420 24.78 -16.76 -12.38
N MET B 421 23.73 -17.32 -12.98
CA MET B 421 22.37 -17.08 -12.51
C MET B 421 22.04 -17.78 -11.19
N ASP B 422 22.46 -19.03 -11.07
CA ASP B 422 22.13 -19.83 -9.91
C ASP B 422 22.73 -19.28 -8.61
N ASN B 423 23.86 -18.59 -8.69
CA ASN B 423 24.55 -18.09 -7.50
C ASN B 423 24.27 -16.61 -7.22
N TYR B 424 23.42 -16.01 -8.06
CA TYR B 424 23.10 -14.58 -7.99
C TYR B 424 22.49 -14.18 -6.64
N ASP B 425 23.09 -13.19 -6.00
CA ASP B 425 22.60 -12.68 -4.73
C ASP B 425 22.51 -11.17 -4.92
N TYR B 426 21.28 -10.64 -4.98
CA TYR B 426 21.09 -9.25 -5.41
C TYR B 426 21.70 -8.24 -4.44
N ASP B 427 21.65 -8.52 -3.14
CA ASP B 427 22.26 -7.64 -2.17
C ASP B 427 23.79 -7.64 -2.30
N LYS B 428 24.38 -8.82 -2.49
CA LYS B 428 25.84 -8.90 -2.60
C LYS B 428 26.34 -8.34 -3.92
N ALA B 429 25.56 -8.54 -4.99
CA ALA B 429 25.90 -8.03 -6.33
C ALA B 429 25.81 -6.50 -6.35
N TRP B 430 24.80 -5.98 -5.65
CA TRP B 430 24.60 -4.54 -5.52
C TRP B 430 25.81 -3.87 -4.87
N ASN B 431 26.23 -4.44 -3.73
CA ASN B 431 27.41 -4.00 -2.99
C ASN B 431 28.71 -4.09 -3.81
N ARG B 432 28.93 -5.23 -4.46
CA ARG B 432 30.05 -5.39 -5.38
C ARG B 432 30.07 -4.34 -6.49
N ALA B 433 28.93 -4.09 -7.13
CA ALA B 433 28.83 -3.12 -8.22
C ALA B 433 29.32 -1.77 -7.79
N ILE B 434 28.82 -1.28 -6.66
CA ILE B 434 29.26 0.01 -6.12
C ILE B 434 30.73 -0.01 -5.66
N ASP B 435 31.15 -1.12 -5.04
CA ASP B 435 32.53 -1.26 -4.60
C ASP B 435 33.48 -1.16 -5.79
N MET B 436 33.17 -1.91 -6.84
CA MET B 436 34.00 -1.94 -8.03
C MET B 436 33.92 -0.65 -8.85
N LEU B 437 32.77 0.04 -8.82
CA LEU B 437 32.62 1.25 -9.61
C LEU B 437 33.09 2.53 -8.91
N TYR B 438 32.95 2.59 -7.59
CA TYR B 438 33.13 3.86 -6.88
C TYR B 438 34.40 4.00 -6.03
N GLY B 439 35.14 2.90 -5.89
CA GLY B 439 36.42 2.95 -5.17
C GLY B 439 36.30 3.54 -3.76
N ASP B 440 37.04 4.62 -3.51
CA ASP B 440 37.05 5.27 -2.19
C ASP B 440 35.69 5.87 -1.80
N LEU B 441 34.82 6.09 -2.78
CA LEU B 441 33.54 6.71 -2.54
C LEU B 441 32.40 5.69 -2.44
N ALA B 442 32.75 4.42 -2.51
CA ALA B 442 31.74 3.34 -2.52
C ALA B 442 30.83 3.39 -1.29
N GLU B 443 31.40 3.62 -0.11
CA GLU B 443 30.60 3.61 1.12
C GLU B 443 29.60 4.75 1.19
N ASP B 444 30.02 5.97 0.82
CA ASP B 444 29.08 7.09 0.74
C ASP B 444 28.07 6.85 -0.37
N MET B 445 28.54 6.41 -1.54
CA MET B 445 27.61 6.07 -2.63
C MET B 445 26.56 5.03 -2.26
N LYS B 446 26.93 4.06 -1.44
CA LYS B 446 25.93 3.08 -0.97
C LYS B 446 24.85 3.72 -0.13
N VAL B 447 25.22 4.67 0.74
CA VAL B 447 24.23 5.33 1.60
C VAL B 447 23.15 5.99 0.75
N PHE B 448 23.60 6.69 -0.29
CA PHE B 448 22.73 7.42 -1.18
C PHE B 448 21.93 6.49 -2.08
N ALA B 449 22.65 5.61 -2.79
CA ALA B 449 21.98 4.72 -3.74
C ALA B 449 20.97 3.77 -3.06
N ASN B 450 21.25 3.38 -1.80
CA ASN B 450 20.33 2.53 -0.98
C ASN B 450 18.91 3.12 -0.91
N HIS B 451 18.81 4.45 -1.00
CA HIS B 451 17.52 5.18 -0.95
C HIS B 451 16.87 5.35 -2.32
N SER B 452 17.49 4.79 -3.36
CA SER B 452 17.04 5.08 -4.71
C SER B 452 17.05 3.80 -5.56
N THR B 453 16.42 2.75 -5.04
CA THR B 453 16.33 1.48 -5.77
C THR B 453 14.92 1.15 -6.35
N ARG B 454 13.88 1.62 -5.67
CA ARG B 454 12.49 1.28 -6.01
C ARG B 454 11.90 2.26 -6.99
N MET B 455 11.47 1.76 -8.16
CA MET B 455 10.79 2.62 -9.14
C MET B 455 9.28 2.42 -8.99
N ASP B 456 8.51 3.50 -9.03
CA ASP B 456 7.07 3.36 -8.87
C ASP B 456 6.39 4.64 -9.28
N ASN B 457 5.67 4.62 -10.41
CA ASN B 457 5.02 5.84 -10.92
C ASN B 457 3.60 6.07 -10.35
N LYS B 458 3.23 5.25 -9.37
CA LYS B 458 1.95 5.34 -8.65
C LYS B 458 0.80 4.71 -9.44
N THR B 459 1.05 4.31 -10.69
CA THR B 459 -0.01 3.71 -11.50
C THR B 459 0.42 2.34 -12.09
N TRP B 460 0.86 2.33 -13.34
CA TRP B 460 1.07 1.05 -14.06
C TRP B 460 2.52 0.57 -13.98
N ALA B 461 3.44 1.39 -13.51
CA ALA B 461 4.85 1.03 -13.56
C ALA B 461 5.52 0.94 -12.19
N LYS B 462 5.97 -0.26 -11.85
CA LYS B 462 6.71 -0.47 -10.61
C LYS B 462 7.64 -1.67 -10.67
N SER B 463 8.85 -1.46 -10.13
CA SER B 463 9.88 -2.49 -10.14
C SER B 463 11.04 -2.06 -9.27
N GLY B 464 11.72 -3.06 -8.73
CA GLY B 464 13.01 -2.83 -8.07
C GLY B 464 12.93 -3.24 -6.61
N ARG B 465 14.09 -3.42 -6.02
CA ARG B 465 14.24 -3.58 -4.57
C ARG B 465 13.68 -2.35 -3.86
N GLU B 466 12.96 -2.57 -2.77
CA GLU B 466 12.48 -1.47 -1.89
C GLU B 466 13.65 -0.62 -1.44
N ASP B 467 13.43 0.69 -1.35
CA ASP B 467 14.43 1.63 -0.80
C ASP B 467 14.75 1.31 0.64
N ALA B 468 16.03 1.52 0.99
CA ALA B 468 16.52 1.43 2.39
C ALA B 468 15.71 0.54 3.31
N PRO B 469 15.67 -0.78 3.03
CA PRO B 469 14.73 -1.62 3.77
C PRO B 469 14.99 -1.75 5.26
N GLU B 470 16.23 -1.70 5.69
CA GLU B 470 16.50 -1.85 7.12
C GLU B 470 16.22 -0.57 7.87
N LEU B 471 16.43 0.58 7.22
CA LEU B 471 16.01 1.87 7.80
C LEU B 471 14.47 1.89 7.94
N ARG B 472 13.77 1.50 6.88
CA ARG B 472 12.32 1.32 6.94
C ARG B 472 11.85 0.42 8.12
N ALA B 473 12.52 -0.71 8.36
CA ALA B 473 12.15 -1.57 9.52
C ALA B 473 12.40 -0.88 10.87
N LYS B 474 13.47 -0.10 10.95
CA LYS B 474 13.80 0.66 12.17
C LYS B 474 12.74 1.75 12.47
N MET B 475 12.30 2.45 11.43
CA MET B 475 11.20 3.41 11.49
C MET B 475 9.89 2.76 11.97
N ASP B 476 9.55 1.58 11.42
CA ASP B 476 8.36 0.86 11.86
C ASP B 476 8.44 0.51 13.33
N GLU B 477 9.61 0.08 13.79
CA GLU B 477 9.76 -0.27 15.19
C GLU B 477 9.65 0.97 16.11
N LEU B 478 10.08 2.13 15.64
CA LEU B 478 9.93 3.36 16.41
C LEU B 478 8.45 3.63 16.72
N TRP B 479 7.64 3.57 15.68
CA TRP B 479 6.19 3.82 15.79
C TRP B 479 5.55 2.78 16.69
N ASN B 480 5.98 1.54 16.53
CA ASN B 480 5.53 0.44 17.37
C ASN B 480 5.82 0.69 18.83
N LYS B 481 7.07 1.08 19.13
CA LYS B 481 7.47 1.34 20.51
C LYS B 481 6.75 2.56 21.09
N LEU B 482 6.71 3.64 20.32
CA LEU B 482 6.09 4.87 20.77
C LEU B 482 4.60 4.70 21.06
N SER B 483 3.90 3.99 20.18
CA SER B 483 2.46 3.86 20.29
C SER B 483 2.09 2.88 21.39
N SER B 484 3.06 2.03 21.75
CA SER B 484 2.91 1.09 22.87
C SER B 484 3.43 1.70 24.17
N LYS B 485 3.89 2.95 24.16
CA LYS B 485 4.48 3.56 25.37
C LYS B 485 5.75 2.86 25.89
N GLU B 486 6.52 2.24 24.99
CA GLU B 486 7.77 1.56 25.37
C GLU B 486 8.92 2.54 25.21
N ASP B 487 10.02 2.32 25.94
CA ASP B 487 11.18 3.22 25.87
C ASP B 487 11.83 3.12 24.48
N ALA B 488 11.94 4.23 23.76
CA ALA B 488 12.52 4.17 22.41
C ALA B 488 13.81 5.01 22.29
N SER B 489 14.40 5.30 23.44
CA SER B 489 15.54 6.21 23.56
C SER B 489 16.72 5.82 22.67
N ALA B 490 17.11 4.55 22.77
CA ALA B 490 18.28 4.03 22.07
C ALA B 490 18.02 4.05 20.58
N LEU B 491 16.79 3.74 20.21
CA LEU B 491 16.33 3.79 18.82
C LEU B 491 16.23 5.21 18.22
N ILE B 492 15.70 6.14 19.01
CA ILE B 492 15.73 7.55 18.63
C ILE B 492 17.15 8.00 18.33
N GLU B 493 18.09 7.72 19.24
CA GLU B 493 19.52 8.03 19.02
C GLU B 493 20.03 7.36 17.74
N GLU B 494 19.76 6.07 17.60
CA GLU B 494 20.19 5.35 16.42
C GLU B 494 19.71 6.03 15.15
N LEU B 495 18.43 6.44 15.11
CA LEU B 495 17.88 7.06 13.91
C LEU B 495 18.48 8.44 13.63
N TYR B 496 18.76 9.20 14.70
CA TYR B 496 19.52 10.44 14.53
C TYR B 496 20.86 10.18 13.82
N GLY B 497 21.60 9.17 14.30
CA GLY B 497 22.80 8.66 13.60
C GLY B 497 22.58 8.39 12.10
N GLU B 498 21.52 7.69 11.77
CA GLU B 498 21.21 7.34 10.38
C GLU B 498 20.99 8.58 9.51
N PHE B 499 20.21 9.52 10.04
CA PHE B 499 19.81 10.68 9.28
C PHE B 499 21.01 11.62 9.11
N ALA B 500 21.84 11.70 10.14
CA ALA B 500 23.07 12.53 10.04
C ALA B 500 24.00 11.96 8.96
N ARG B 501 24.04 10.64 8.90
CA ARG B 501 24.93 9.94 7.99
C ARG B 501 24.49 10.11 6.52
N MET B 502 23.17 10.20 6.29
CA MET B 502 22.61 10.50 4.98
C MET B 502 23.04 11.85 4.49
N GLU B 503 22.90 12.87 5.33
CA GLU B 503 23.33 14.21 4.99
C GLU B 503 24.84 14.25 4.68
N GLU B 504 25.64 13.65 5.57
CA GLU B 504 27.11 13.59 5.48
C GLU B 504 27.57 12.87 4.20
N ALA B 505 27.02 11.69 3.91
CA ALA B 505 27.36 10.98 2.68
C ALA B 505 27.06 11.82 1.43
N CYS B 506 25.88 12.44 1.41
CA CYS B 506 25.46 13.22 0.27
C CYS B 506 26.36 14.43 0.09
N ASN B 507 26.65 15.14 1.18
CA ASN B 507 27.63 16.21 1.12
C ASN B 507 28.98 15.75 0.55
N ASN B 508 29.47 14.60 0.99
CA ASN B 508 30.76 14.08 0.49
C ASN B 508 30.70 13.72 -1.00
N LEU B 509 29.58 13.15 -1.44
CA LEU B 509 29.37 12.86 -2.85
C LEU B 509 29.35 14.13 -3.69
N LYS B 510 28.67 15.17 -3.20
CA LYS B 510 28.66 16.45 -3.89
C LYS B 510 30.07 17.01 -4.07
N ALA B 511 30.90 16.88 -3.03
CA ALA B 511 32.24 17.46 -3.08
C ALA B 511 33.25 16.62 -3.86
N ASN B 512 33.01 15.31 -3.99
CA ASN B 512 34.05 14.39 -4.47
C ASN B 512 33.69 13.42 -5.60
N LEU B 513 32.41 13.23 -5.91
CA LEU B 513 32.03 12.47 -7.10
C LEU B 513 32.65 13.07 -8.37
N PRO B 514 33.13 12.21 -9.29
CA PRO B 514 33.56 12.75 -10.58
C PRO B 514 32.38 13.45 -11.25
N GLU B 515 32.65 14.49 -12.03
CA GLU B 515 31.62 15.25 -12.72
C GLU B 515 30.70 14.39 -13.58
N VAL B 516 31.24 13.36 -14.23
CA VAL B 516 30.46 12.40 -15.05
C VAL B 516 29.31 11.70 -14.27
N ALA B 517 29.56 11.41 -13.00
CA ALA B 517 28.53 10.85 -12.14
C ALA B 517 27.70 11.98 -11.54
N LEU B 518 28.37 12.99 -10.96
CA LEU B 518 27.68 14.08 -10.27
C LEU B 518 26.64 14.79 -11.18
N GLU B 519 26.99 15.05 -12.44
CA GLU B 519 26.04 15.73 -13.32
C GLU B 519 24.67 14.99 -13.47
N GLU B 520 24.68 13.69 -13.25
CA GLU B 520 23.46 12.86 -13.36
C GLU B 520 22.59 12.79 -12.10
N CYS B 521 23.15 13.13 -10.93
CA CYS B 521 22.43 12.93 -9.66
C CYS B 521 22.47 14.12 -8.66
N SER B 522 22.97 15.28 -9.08
CA SER B 522 23.09 16.42 -8.16
C SER B 522 21.75 16.82 -7.52
N ARG B 523 20.67 16.74 -8.28
CA ARG B 523 19.37 17.14 -7.75
C ARG B 523 18.91 16.11 -6.73
N GLN B 524 19.18 14.84 -6.98
CA GLN B 524 18.70 13.77 -6.08
C GLN B 524 19.53 13.77 -4.78
N LEU B 525 20.80 14.14 -4.90
CA LEU B 525 21.68 14.36 -3.77
C LEU B 525 21.11 15.43 -2.84
N ASP B 526 20.81 16.58 -3.43
CA ASP B 526 20.13 17.67 -2.73
C ASP B 526 18.78 17.28 -2.10
N GLU B 527 18.00 16.48 -2.82
CA GLU B 527 16.74 16.05 -2.26
C GLU B 527 16.89 15.12 -1.07
N LEU B 528 17.87 14.23 -1.10
CA LEU B 528 18.07 13.35 0.08
C LEU B 528 18.58 14.11 1.32
N ILE B 529 19.36 15.17 1.09
CA ILE B 529 19.81 16.06 2.17
C ILE B 529 18.58 16.70 2.79
N THR B 530 17.72 17.27 1.95
CA THR B 530 16.45 17.88 2.40
C THR B 530 15.65 16.89 3.23
N LEU B 531 15.49 15.66 2.73
CA LEU B 531 14.75 14.68 3.46
C LEU B 531 15.38 14.25 4.80
N ALA B 532 16.70 14.09 4.80
CA ALA B 532 17.46 13.75 5.99
C ALA B 532 17.27 14.85 7.04
N GLN B 533 17.30 16.11 6.62
CA GLN B 533 17.05 17.24 7.52
C GLN B 533 15.59 17.26 8.04
N GLY B 534 14.65 16.81 7.20
CA GLY B 534 13.23 16.65 7.60
C GLY B 534 13.03 15.49 8.57
N ASP B 535 13.79 14.42 8.33
CA ASP B 535 13.75 13.26 9.18
C ASP B 535 14.29 13.62 10.56
N LYS B 536 15.33 14.45 10.60
CA LYS B 536 15.92 14.87 11.86
C LYS B 536 14.90 15.73 12.65
N ALA B 537 14.33 16.73 11.99
CA ALA B 537 13.27 17.56 12.58
C ALA B 537 12.05 16.75 13.05
N SER B 538 11.77 15.65 12.34
CA SER B 538 10.71 14.75 12.74
C SER B 538 10.98 14.11 14.10
N LEU B 539 12.22 13.68 14.32
CA LEU B 539 12.62 13.14 15.62
C LEU B 539 12.58 14.23 16.68
N ASP B 540 13.05 15.42 16.33
CA ASP B 540 12.99 16.57 17.25
C ASP B 540 11.55 16.75 17.76
N MET B 541 10.58 16.65 16.84
CA MET B 541 9.13 16.68 17.15
C MET B 541 8.70 15.66 18.19
N ILE B 542 9.07 14.40 17.95
CA ILE B 542 8.78 13.32 18.87
C ILE B 542 9.40 13.56 20.24
N VAL B 543 10.68 13.94 20.27
CA VAL B 543 11.38 14.20 21.53
C VAL B 543 10.75 15.37 22.29
N ALA B 544 10.40 16.44 21.58
CA ALA B 544 9.64 17.55 22.19
C ALA B 544 8.36 17.05 22.87
N GLN B 545 7.59 16.18 22.20
CA GLN B 545 6.35 15.64 22.74
C GLN B 545 6.61 14.79 23.98
N LEU B 546 7.69 13.99 23.95
CA LEU B 546 8.08 13.21 25.13
C LEU B 546 8.51 14.09 26.29
N ASN B 547 9.17 15.18 25.96
CA ASN B 547 9.60 16.15 26.96
C ASN B 547 8.48 17.12 27.35
N GLU B 548 7.33 16.99 26.70
CA GLU B 548 6.23 17.94 26.82
C GLU B 548 6.76 19.37 26.65
N ASP B 549 7.37 19.64 25.50
CA ASP B 549 7.88 20.99 25.22
C ASP B 549 7.16 21.49 23.97
N THR B 550 6.17 22.36 24.17
CA THR B 550 5.26 22.76 23.08
C THR B 550 5.96 23.66 22.06
N GLU B 551 6.85 24.53 22.54
CA GLU B 551 7.58 25.45 21.67
C GLU B 551 8.59 24.73 20.82
N ALA B 552 9.29 23.77 21.42
CA ALA B 552 10.22 22.93 20.68
C ALA B 552 9.45 22.05 19.69
N TYR B 553 8.27 21.55 20.09
CA TYR B 553 7.39 20.80 19.18
C TYR B 553 6.99 21.61 17.94
N GLU B 554 6.44 22.80 18.17
CA GLU B 554 5.93 23.65 17.09
C GLU B 554 7.04 24.11 16.13
N SER B 555 8.21 24.42 16.68
CA SER B 555 9.37 24.78 15.88
C SER B 555 9.86 23.64 14.99
N ALA B 556 9.96 22.45 15.56
CA ALA B 556 10.36 21.25 14.85
C ALA B 556 9.34 20.81 13.78
N LYS B 557 8.05 20.95 14.11
CA LYS B 557 6.96 20.70 13.18
C LYS B 557 7.01 21.58 11.92
N GLU B 558 7.21 22.90 12.09
CA GLU B 558 7.26 23.77 10.89
C GLU B 558 8.43 23.44 9.98
N ILE B 559 9.58 23.12 10.56
CA ILE B 559 10.75 22.68 9.80
C ILE B 559 10.48 21.39 9.06
N ALA B 560 10.01 20.37 9.78
CA ALA B 560 9.74 19.08 9.19
C ALA B 560 8.80 19.28 8.03
N GLN B 561 7.71 20.02 8.25
CA GLN B 561 6.73 20.27 7.20
C GLN B 561 7.33 21.00 5.97
N ASN B 562 8.16 22.03 6.18
CA ASN B 562 8.86 22.79 5.13
C ASN B 562 9.75 21.85 4.31
N LYS B 563 10.47 20.96 4.98
CA LYS B 563 11.38 20.02 4.30
C LYS B 563 10.60 19.00 3.46
N LEU B 564 9.53 18.47 4.01
CA LEU B 564 8.65 17.60 3.23
C LEU B 564 8.13 18.33 1.98
N ASN B 565 7.64 19.56 2.15
CA ASN B 565 7.01 20.30 1.06
C ASN B 565 7.99 20.65 -0.07
N THR B 566 9.21 20.97 0.33
CA THR B 566 10.31 21.21 -0.60
C THR B 566 10.48 19.93 -1.44
N ALA B 567 10.52 18.80 -0.78
CA ALA B 567 10.76 17.55 -1.48
C ALA B 567 9.59 17.14 -2.41
N LEU B 568 8.36 17.37 -1.96
CA LEU B 568 7.19 17.11 -2.79
C LEU B 568 7.21 17.92 -4.09
N SER B 569 7.67 19.18 -3.99
CA SER B 569 7.69 20.13 -5.09
C SER B 569 8.81 19.97 -6.11
N SER B 570 9.95 19.42 -5.70
CA SER B 570 11.12 19.40 -6.57
C SER B 570 10.97 18.29 -7.61
N PHE B 571 11.62 18.47 -8.74
CA PHE B 571 11.66 17.46 -9.78
C PHE B 571 12.19 16.10 -9.29
N ALA B 572 13.25 16.15 -8.52
CA ALA B 572 13.99 14.99 -8.07
C ALA B 572 13.13 14.16 -7.15
N VAL B 573 13.23 12.84 -7.25
CA VAL B 573 12.45 11.97 -6.37
C VAL B 573 13.40 10.92 -5.80
N ILE B 574 13.29 10.65 -4.47
CA ILE B 574 14.09 9.65 -3.81
C ILE B 574 13.40 9.20 -2.53
N SER B 575 13.56 7.94 -2.19
CA SER B 575 13.16 7.41 -0.87
C SER B 575 11.72 7.74 -0.49
N GLU B 576 10.79 7.68 -1.44
CA GLU B 576 9.41 8.09 -1.18
C GLU B 576 8.81 7.38 0.06
N LYS B 577 8.98 6.06 0.11
CA LYS B 577 8.34 5.24 1.12
C LYS B 577 9.13 5.15 2.41
N VAL B 578 10.27 5.83 2.44
CA VAL B 578 11.19 5.71 3.57
C VAL B 578 11.51 7.08 4.16
N ALA B 579 12.46 7.81 3.59
CA ALA B 579 12.91 9.08 4.17
C ALA B 579 11.80 10.10 4.05
N GLN B 580 11.06 10.03 2.95
CA GLN B 580 9.96 10.96 2.75
C GLN B 580 8.74 10.59 3.59
N SER B 581 8.24 9.39 3.40
CA SER B 581 7.11 8.91 4.19
C SER B 581 7.28 9.14 5.70
N PHE B 582 8.49 8.95 6.25
CA PHE B 582 8.72 9.08 7.69
C PHE B 582 8.31 10.46 8.21
N ILE B 583 8.54 11.50 7.41
CA ILE B 583 8.16 12.83 7.85
C ILE B 583 6.63 12.93 7.95
N GLN B 584 5.92 12.45 6.94
CA GLN B 584 4.45 12.45 7.02
C GLN B 584 3.93 11.62 8.19
N GLU B 585 4.56 10.49 8.47
CA GLU B 585 4.17 9.64 9.60
C GLU B 585 4.35 10.40 10.91
N ALA B 586 5.42 11.18 11.02
CA ALA B 586 5.75 11.86 12.26
C ALA B 586 4.79 13.03 12.49
N LEU B 587 4.47 13.72 11.39
CA LEU B 587 3.57 14.87 11.41
C LEU B 587 2.16 14.44 11.80
N SER B 588 1.77 13.24 11.42
CA SER B 588 0.42 12.81 11.73
C SER B 588 0.34 12.01 13.05
N PHE B 589 1.48 11.82 13.70
CA PHE B 589 1.57 11.07 14.96
C PHE B 589 1.28 12.06 16.06
N ASP B 590 0.43 11.69 17.01
CA ASP B 590 0.12 12.56 18.12
C ASP B 590 0.44 11.80 19.38
N LEU B 591 1.68 12.00 19.84
CA LEU B 591 2.21 11.32 20.99
C LEU B 591 1.48 11.76 22.25
N THR B 592 0.99 13.00 22.28
CA THR B 592 0.33 13.56 23.47
C THR B 592 -0.95 12.80 23.85
N LEU B 593 -1.48 11.99 22.94
CA LEU B 593 -2.71 11.24 23.22
C LEU B 593 -2.48 9.74 23.35
N ILE B 594 -1.21 9.35 23.52
CA ILE B 594 -0.86 7.95 23.81
C ILE B 594 -0.83 7.75 25.34
#